data_4K7G
#
_entry.id   4K7G
#
_cell.length_a   122.584
_cell.length_b   122.584
_cell.length_c   167.593
_cell.angle_alpha   90.000
_cell.angle_beta   90.000
_cell.angle_gamma   90.000
#
_symmetry.space_group_name_H-M   'P 43 21 2'
#
loop_
_entity.id
_entity.type
_entity.pdbx_description
1 polymer '3-hydroxyproline dehydratse'
2 non-polymer 'CITRIC ACID'
3 non-polymer 'ACETATE ION'
4 non-polymer PYRROLE-2-CARBOXYLATE
5 water water
#
_entity_poly.entity_id   1
_entity_poly.type   'polypeptide(L)'
_entity_poly.pdbx_seq_one_letter_code
;MHHHHHHSSGVDLGTENLYFQSMRTNKVIHVIGVHAEGEVGDVIVGGVSPPPGDTLWEQSRFIASDETLRNFVLNEPRGG
VFRHVNLLVPPKDPRAQMGFIIMEPADTPPMSGSNSICVSTAILDSGIISMQEPLTHMVLEAPGGVIEVTAECANGKAER
INVLNVASFVTRLAAALEVEGLGTLTVDTAYGGDSFVIVDAIGLGFSLKPDEARELAELGMKITAAANEQLGFVHPCNAD
WNHISFCQMTTPITRENGILTGKSAVAIRPGKIDRSPTGTGCSARLAVMHARGEIGIGETYIGRSIIDSEFKCHIDSLTE
IGGLSAIRPVISGRAWITGVSQLMLDPTDPWPSGYQLSDTWPAI
;
_entity_poly.pdbx_strand_id   B,D
#
loop_
_chem_comp.id
_chem_comp.type
_chem_comp.name
_chem_comp.formula
ACT non-polymer 'ACETATE ION' 'C2 H3 O2 -1'
CIT non-polymer 'CITRIC ACID' 'C6 H8 O7'
PYC non-polymer PYRROLE-2-CARBOXYLATE 'C5 H4 N O2 -1'
#
# COMPACT_ATOMS: atom_id res chain seq x y z
N LYS A 27 5.80 -21.69 -8.00
CA LYS A 27 5.31 -21.07 -6.78
C LYS A 27 5.61 -19.55 -6.82
N VAL A 28 6.57 -19.13 -7.64
CA VAL A 28 6.94 -17.73 -7.75
C VAL A 28 6.03 -17.05 -8.77
N ILE A 29 5.38 -15.96 -8.38
CA ILE A 29 4.51 -15.20 -9.29
C ILE A 29 5.28 -14.03 -9.88
N HIS A 30 5.33 -13.97 -11.21
CA HIS A 30 6.03 -12.89 -11.90
C HIS A 30 5.06 -11.79 -12.24
N VAL A 31 5.41 -10.60 -11.81
CA VAL A 31 4.56 -9.43 -11.93
C VAL A 31 5.31 -8.29 -12.58
N ILE A 32 4.66 -7.63 -13.54
CA ILE A 32 5.16 -6.33 -13.99
C ILE A 32 4.30 -5.26 -13.33
N GLY A 33 4.95 -4.35 -12.62
CA GLY A 33 4.22 -3.27 -11.99
C GLY A 33 3.98 -2.18 -13.00
N VAL A 34 2.77 -1.64 -13.00
CA VAL A 34 2.40 -0.61 -13.96
C VAL A 34 1.41 0.33 -13.31
N HIS A 35 1.38 1.58 -13.74
CA HIS A 35 0.22 2.44 -13.47
C HIS A 35 -0.21 3.15 -14.75
N ALA A 36 -1.51 3.37 -14.89
CA ALA A 36 -2.03 4.07 -16.04
C ALA A 36 -2.60 5.40 -15.55
N GLU A 37 -1.97 6.51 -15.93
CA GLU A 37 -2.39 7.85 -15.53
C GLU A 37 -2.56 7.94 -14.00
N GLY A 38 -1.65 7.30 -13.32
CA GLY A 38 -1.61 7.26 -11.86
C GLY A 38 -2.22 6.05 -11.18
N GLU A 39 -3.08 5.29 -11.86
CA GLU A 39 -3.81 4.18 -11.19
C GLU A 39 -3.08 2.87 -11.41
N VAL A 40 -2.71 2.24 -10.30
CA VAL A 40 -1.95 1.00 -10.35
C VAL A 40 -2.74 -0.08 -11.04
N GLY A 41 -2.05 -0.82 -11.90
CA GLY A 41 -2.60 -1.99 -12.56
C GLY A 41 -1.48 -2.98 -12.82
N ASP A 42 -1.01 -3.64 -11.77
CA ASP A 42 0.05 -4.63 -11.92
C ASP A 42 -0.43 -5.78 -12.78
N VAL A 43 0.48 -6.46 -13.45
CA VAL A 43 0.12 -7.52 -14.38
C VAL A 43 0.91 -8.80 -14.11
N ILE A 44 0.20 -9.88 -13.81
CA ILE A 44 0.84 -11.16 -13.60
C ILE A 44 1.11 -11.79 -14.95
N VAL A 45 2.40 -11.98 -15.22
CA VAL A 45 2.85 -12.50 -16.49
C VAL A 45 3.38 -13.91 -16.40
N GLY A 46 3.50 -14.47 -15.20
CA GLY A 46 3.96 -15.85 -15.10
C GLY A 46 3.75 -16.42 -13.72
N GLY A 47 3.70 -17.75 -13.65
CA GLY A 47 3.66 -18.44 -12.37
C GLY A 47 2.26 -18.79 -11.90
N VAL A 48 1.24 -18.37 -12.64
CA VAL A 48 -0.13 -18.65 -12.24
C VAL A 48 -0.93 -19.24 -13.40
N SER A 49 -1.39 -20.46 -13.22
CA SER A 49 -2.19 -21.15 -14.23
C SER A 49 -3.59 -20.56 -14.31
N PRO A 50 -4.20 -20.60 -15.50
CA PRO A 50 -5.55 -20.04 -15.64
C PRO A 50 -6.54 -20.79 -14.76
N PRO A 51 -7.55 -20.09 -14.25
CA PRO A 51 -8.55 -20.77 -13.44
C PRO A 51 -9.43 -21.65 -14.31
N PRO A 52 -10.11 -22.61 -13.70
CA PRO A 52 -11.09 -23.42 -14.42
C PRO A 52 -12.27 -22.55 -14.85
N GLY A 53 -12.88 -22.92 -15.97
CA GLY A 53 -14.09 -22.27 -16.42
C GLY A 53 -14.14 -22.30 -17.92
N ASP A 54 -15.33 -22.27 -18.50
CA ASP A 54 -15.43 -22.32 -19.93
C ASP A 54 -15.65 -20.96 -20.56
N THR A 55 -15.82 -19.94 -19.74
CA THR A 55 -15.78 -18.56 -20.25
C THR A 55 -14.86 -17.76 -19.35
N LEU A 56 -14.39 -16.63 -19.83
CA LEU A 56 -13.57 -15.80 -18.96
C LEU A 56 -14.39 -15.32 -17.74
N TRP A 57 -15.70 -15.08 -17.93
CA TRP A 57 -16.52 -14.72 -16.79
C TRP A 57 -16.51 -15.84 -15.74
N GLU A 58 -16.66 -17.09 -16.16
CA GLU A 58 -16.62 -18.19 -15.19
C GLU A 58 -15.27 -18.23 -14.47
N GLN A 59 -14.18 -18.01 -15.19
CA GLN A 59 -12.86 -17.98 -14.59
C GLN A 59 -12.73 -16.86 -13.57
N SER A 60 -13.30 -15.69 -13.89
CA SER A 60 -13.26 -14.58 -12.94
C SER A 60 -14.12 -14.88 -11.70
N ARG A 61 -15.23 -15.61 -11.87
CA ARG A 61 -16.06 -16.03 -10.74
C ARG A 61 -15.28 -16.98 -9.84
N PHE A 62 -14.47 -17.87 -10.43
CA PHE A 62 -13.62 -18.74 -9.60
C PHE A 62 -12.64 -17.88 -8.78
N ILE A 63 -11.98 -16.95 -9.43
CA ILE A 63 -11.06 -16.03 -8.74
C ILE A 63 -11.78 -15.31 -7.57
N ALA A 64 -13.00 -14.84 -7.82
CA ALA A 64 -13.75 -14.09 -6.81
C ALA A 64 -14.15 -14.98 -5.62
N SER A 65 -14.55 -16.22 -5.89
CA SER A 65 -15.06 -17.07 -4.84
C SER A 65 -13.93 -17.80 -4.12
N ASP A 66 -12.90 -18.20 -4.86
CA ASP A 66 -11.79 -18.92 -4.25
C ASP A 66 -10.92 -18.04 -3.34
N GLU A 67 -10.68 -16.81 -3.82
CA GLU A 67 -9.98 -15.75 -3.10
C GLU A 67 -8.48 -15.92 -2.86
N THR A 68 -7.92 -17.10 -3.11
CA THR A 68 -6.53 -17.34 -2.74
C THR A 68 -5.56 -16.38 -3.43
N LEU A 69 -5.66 -16.30 -4.75
CA LEU A 69 -4.79 -15.40 -5.50
C LEU A 69 -5.06 -13.95 -5.12
N ARG A 70 -6.35 -13.59 -5.11
CA ARG A 70 -6.72 -12.20 -4.76
C ARG A 70 -6.08 -11.76 -3.43
N ASN A 71 -6.26 -12.56 -2.39
CA ASN A 71 -5.75 -12.18 -1.07
C ASN A 71 -4.23 -12.08 -1.07
N PHE A 72 -3.58 -13.04 -1.71
CA PHE A 72 -2.13 -13.08 -1.75
C PHE A 72 -1.53 -11.84 -2.44
N VAL A 73 -2.10 -11.41 -3.55
CA VAL A 73 -1.50 -10.29 -4.29
C VAL A 73 -2.03 -8.92 -3.84
N LEU A 74 -3.27 -8.85 -3.33
CA LEU A 74 -3.85 -7.55 -2.95
C LEU A 74 -3.63 -7.16 -1.50
N ASN A 75 -3.61 -8.14 -0.60
CA ASN A 75 -3.44 -7.83 0.82
C ASN A 75 -2.00 -7.48 1.16
N GLU A 76 -1.86 -6.61 2.16
CA GLU A 76 -0.58 -6.47 2.83
C GLU A 76 -0.23 -7.87 3.34
N PRO A 77 1.06 -8.21 3.39
CA PRO A 77 2.22 -7.34 3.17
C PRO A 77 2.69 -7.15 1.72
N ARG A 78 2.06 -7.77 0.74
CA ARG A 78 2.55 -7.65 -0.65
C ARG A 78 1.84 -6.60 -1.47
N GLY A 79 0.58 -6.32 -1.18
CA GLY A 79 -0.21 -5.46 -2.07
C GLY A 79 -0.48 -4.07 -1.50
N GLY A 80 -1.64 -3.91 -0.88
CA GLY A 80 -2.08 -2.61 -0.39
C GLY A 80 -3.40 -2.28 -1.04
N VAL A 81 -4.23 -1.50 -0.35
CA VAL A 81 -5.58 -1.18 -0.84
C VAL A 81 -5.57 -0.33 -2.12
N PHE A 82 -4.44 0.31 -2.41
CA PHE A 82 -4.32 1.12 -3.61
C PHE A 82 -3.95 0.31 -4.87
N ARG A 83 -3.68 -0.98 -4.74
CA ARG A 83 -3.34 -1.79 -5.89
C ARG A 83 -4.57 -2.36 -6.59
N HIS A 84 -4.43 -2.58 -7.89
CA HIS A 84 -5.21 -3.58 -8.61
C HIS A 84 -4.19 -4.52 -9.23
N VAL A 85 -4.59 -5.77 -9.45
CA VAL A 85 -3.69 -6.73 -10.09
C VAL A 85 -4.47 -7.51 -11.14
N ASN A 86 -3.86 -7.66 -12.31
CA ASN A 86 -4.47 -8.33 -13.44
C ASN A 86 -3.76 -9.64 -13.76
N LEU A 87 -4.55 -10.69 -13.91
CA LEU A 87 -4.03 -12.01 -14.29
C LEU A 87 -4.24 -12.23 -15.79
N LEU A 88 -3.16 -12.36 -16.55
CA LEU A 88 -3.27 -12.77 -17.94
C LEU A 88 -3.66 -14.24 -18.05
N VAL A 89 -4.58 -14.54 -18.97
CA VAL A 89 -4.95 -15.93 -19.29
C VAL A 89 -5.25 -16.02 -20.77
N PRO A 90 -5.13 -17.22 -21.35
CA PRO A 90 -5.60 -17.37 -22.74
C PRO A 90 -7.07 -16.99 -22.86
N PRO A 91 -7.45 -16.30 -23.93
CA PRO A 91 -8.85 -15.86 -24.05
C PRO A 91 -9.73 -17.04 -24.42
N LYS A 92 -10.99 -17.00 -24.02
CA LYS A 92 -11.97 -18.00 -24.43
C LYS A 92 -12.72 -17.54 -25.68
N ASP A 93 -12.91 -16.24 -25.83
CA ASP A 93 -13.62 -15.70 -26.99
C ASP A 93 -12.72 -15.79 -28.22
N PRO A 94 -13.21 -16.40 -29.32
CA PRO A 94 -12.35 -16.65 -30.48
C PRO A 94 -11.83 -15.38 -31.14
N ARG A 95 -12.48 -14.24 -30.90
CA ARG A 95 -12.02 -12.99 -31.48
C ARG A 95 -10.75 -12.48 -30.83
N ALA A 96 -10.47 -12.92 -29.61
CA ALA A 96 -9.42 -12.30 -28.79
C ALA A 96 -8.10 -13.04 -28.88
N GLN A 97 -7.00 -12.31 -28.62
CA GLN A 97 -5.66 -12.88 -28.59
C GLN A 97 -5.17 -13.17 -27.19
N MET A 98 -5.57 -12.35 -26.22
CA MET A 98 -5.14 -12.53 -24.84
C MET A 98 -6.28 -12.11 -23.94
N GLY A 99 -6.46 -12.86 -22.85
CA GLY A 99 -7.47 -12.52 -21.86
C GLY A 99 -6.85 -11.97 -20.59
N PHE A 100 -7.67 -11.34 -19.77
CA PHE A 100 -7.22 -10.89 -18.46
C PHE A 100 -8.36 -10.80 -17.45
N ILE A 101 -8.00 -11.08 -16.21
CA ILE A 101 -8.94 -11.00 -15.11
C ILE A 101 -8.47 -9.89 -14.15
N ILE A 102 -9.35 -8.94 -13.89
CA ILE A 102 -9.04 -7.75 -13.08
C ILE A 102 -9.41 -7.99 -11.63
N MET A 103 -8.42 -7.87 -10.76
CA MET A 103 -8.65 -8.02 -9.33
C MET A 103 -8.52 -6.67 -8.65
N GLU A 104 -9.69 -6.13 -8.24
CA GLU A 104 -9.76 -4.87 -7.51
C GLU A 104 -9.96 -5.20 -6.03
N PRO A 105 -9.78 -4.20 -5.15
CA PRO A 105 -9.77 -4.46 -3.70
C PRO A 105 -11.00 -5.16 -3.15
N ALA A 106 -12.18 -4.90 -3.70
CA ALA A 106 -13.37 -5.56 -3.18
C ALA A 106 -14.23 -6.13 -4.31
N ASP A 107 -13.68 -6.33 -5.49
CA ASP A 107 -14.47 -6.85 -6.59
C ASP A 107 -13.56 -7.37 -7.71
N THR A 108 -14.15 -8.20 -8.57
CA THR A 108 -13.48 -8.82 -9.69
C THR A 108 -14.41 -8.57 -10.87
N PRO A 109 -14.31 -7.38 -11.46
CA PRO A 109 -15.42 -6.86 -12.30
C PRO A 109 -15.29 -7.15 -13.79
N PRO A 110 -16.31 -6.77 -14.58
CA PRO A 110 -16.30 -6.99 -16.04
C PRO A 110 -15.20 -6.25 -16.80
N MET A 111 -14.96 -5.01 -16.40
CA MET A 111 -13.96 -4.19 -17.08
C MET A 111 -13.42 -3.07 -16.18
N SER A 112 -12.24 -2.61 -16.56
CA SER A 112 -11.58 -1.45 -15.94
C SER A 112 -10.69 -0.82 -16.99
N GLY A 113 -10.91 0.46 -17.29
CA GLY A 113 -10.15 1.12 -18.34
C GLY A 113 -8.67 1.25 -18.02
N SER A 114 -8.36 1.80 -16.85
CA SER A 114 -6.97 1.99 -16.45
C SER A 114 -6.25 0.62 -16.42
N ASN A 115 -6.91 -0.40 -15.89
CA ASN A 115 -6.27 -1.70 -15.86
C ASN A 115 -6.09 -2.29 -17.27
N SER A 116 -7.03 -2.07 -18.18
CA SER A 116 -6.87 -2.60 -19.53
C SER A 116 -5.68 -1.92 -20.22
N ILE A 117 -5.41 -0.68 -19.85
CA ILE A 117 -4.29 0.07 -20.42
C ILE A 117 -2.95 -0.45 -19.88
N CYS A 118 -2.90 -0.74 -18.58
CA CYS A 118 -1.73 -1.34 -17.97
C CYS A 118 -1.48 -2.74 -18.59
N VAL A 119 -2.54 -3.53 -18.74
CA VAL A 119 -2.42 -4.87 -19.33
C VAL A 119 -1.85 -4.78 -20.74
N SER A 120 -2.38 -3.86 -21.55
CA SER A 120 -1.93 -3.70 -22.93
C SER A 120 -0.46 -3.31 -22.94
N THR A 121 -0.10 -2.39 -22.05
CA THR A 121 1.26 -1.89 -21.99
C THR A 121 2.24 -3.01 -21.59
N ALA A 122 1.89 -3.78 -20.56
CA ALA A 122 2.74 -4.88 -20.10
C ALA A 122 2.89 -5.99 -21.13
N ILE A 123 1.78 -6.33 -21.78
CA ILE A 123 1.78 -7.37 -22.81
C ILE A 123 2.77 -7.03 -23.92
N LEU A 124 2.72 -5.78 -24.38
CA LEU A 124 3.56 -5.37 -25.50
C LEU A 124 5.00 -5.12 -25.07
N ASP A 125 5.20 -4.50 -23.91
CA ASP A 125 6.54 -4.18 -23.46
C ASP A 125 7.31 -5.44 -23.07
N SER A 126 6.61 -6.50 -22.69
CA SER A 126 7.27 -7.74 -22.26
C SER A 126 7.49 -8.73 -23.42
N GLY A 127 6.87 -8.48 -24.57
CA GLY A 127 6.97 -9.38 -25.71
C GLY A 127 5.93 -10.49 -25.76
N ILE A 128 4.92 -10.44 -24.89
CA ILE A 128 3.90 -11.48 -24.90
C ILE A 128 3.06 -11.46 -26.17
N ILE A 129 2.81 -10.27 -26.69
CA ILE A 129 2.30 -10.14 -28.06
C ILE A 129 3.31 -9.25 -28.77
N SER A 130 3.62 -9.56 -30.02
CA SER A 130 4.64 -8.80 -30.74
C SER A 130 4.22 -7.34 -30.99
N MET A 131 5.22 -6.47 -31.01
CA MET A 131 5.02 -5.04 -31.16
C MET A 131 5.30 -4.57 -32.59
N GLN A 132 4.33 -3.92 -33.21
CA GLN A 132 4.57 -3.21 -34.46
C GLN A 132 4.64 -1.72 -34.16
N GLU A 133 5.40 -0.99 -34.96
CA GLU A 133 5.50 0.45 -34.82
C GLU A 133 5.23 1.05 -36.18
N PRO A 134 4.54 2.20 -36.22
CA PRO A 134 4.09 3.05 -35.11
C PRO A 134 2.83 2.56 -34.34
N LEU A 135 2.07 1.65 -34.92
CA LEU A 135 0.84 1.15 -34.29
C LEU A 135 0.82 -0.36 -34.17
N THR A 136 0.42 -0.87 -33.01
CA THR A 136 0.08 -2.28 -32.85
C THR A 136 -1.41 -2.41 -32.60
N HIS A 137 -2.07 -3.28 -33.33
CA HIS A 137 -3.48 -3.57 -33.11
C HIS A 137 -3.60 -4.93 -32.45
N MET A 138 -4.34 -5.00 -31.36
CA MET A 138 -4.66 -6.30 -30.78
C MET A 138 -6.05 -6.32 -30.21
N VAL A 139 -6.58 -7.52 -30.03
CA VAL A 139 -7.90 -7.70 -29.44
C VAL A 139 -7.68 -8.46 -28.14
N LEU A 140 -8.21 -7.90 -27.06
CA LEU A 140 -8.12 -8.54 -25.75
C LEU A 140 -9.51 -8.93 -25.28
N GLU A 141 -9.56 -9.81 -24.29
CA GLU A 141 -10.82 -10.19 -23.69
C GLU A 141 -10.74 -9.92 -22.19
N ALA A 142 -11.65 -9.08 -21.73
CA ALA A 142 -11.89 -8.88 -20.31
C ALA A 142 -13.07 -9.75 -19.88
N PRO A 143 -13.28 -9.90 -18.57
CA PRO A 143 -14.41 -10.75 -18.18
C PRO A 143 -15.75 -10.24 -18.69
N GLY A 144 -15.88 -8.93 -18.90
CA GLY A 144 -17.10 -8.35 -19.46
C GLY A 144 -17.18 -8.29 -20.98
N GLY A 145 -16.19 -8.84 -21.68
CA GLY A 145 -16.25 -8.87 -23.14
C GLY A 145 -14.97 -8.46 -23.83
N VAL A 146 -15.01 -8.49 -25.15
CA VAL A 146 -13.87 -8.20 -25.99
C VAL A 146 -13.68 -6.70 -26.16
N ILE A 147 -12.44 -6.25 -26.12
CA ILE A 147 -12.08 -4.87 -26.37
C ILE A 147 -11.02 -4.81 -27.47
N GLU A 148 -11.06 -3.77 -28.29
CA GLU A 148 -10.06 -3.63 -29.34
C GLU A 148 -9.07 -2.58 -28.95
N VAL A 149 -7.81 -2.91 -29.12
CA VAL A 149 -6.75 -2.01 -28.66
C VAL A 149 -5.86 -1.59 -29.80
N THR A 150 -5.57 -0.30 -29.84
CA THR A 150 -4.53 0.22 -30.72
C THR A 150 -3.49 0.90 -29.85
N ALA A 151 -2.27 0.39 -29.90
CA ALA A 151 -1.21 0.94 -29.11
C ALA A 151 -0.25 1.72 -29.99
N GLU A 152 0.05 2.92 -29.55
CA GLU A 152 1.01 3.78 -30.23
C GLU A 152 2.38 3.45 -29.68
N CYS A 153 3.25 2.90 -30.53
CA CYS A 153 4.52 2.35 -30.09
C CYS A 153 5.70 3.02 -30.77
N ALA A 154 6.76 3.23 -30.01
CA ALA A 154 7.96 3.88 -30.50
C ALA A 154 9.11 3.45 -29.62
N ASN A 155 10.27 3.21 -30.24
CA ASN A 155 11.49 2.82 -29.52
C ASN A 155 11.29 1.62 -28.62
N GLY A 156 10.51 0.66 -29.10
CA GLY A 156 10.30 -0.58 -28.38
C GLY A 156 9.34 -0.49 -27.19
N LYS A 157 8.62 0.62 -27.07
CA LYS A 157 7.70 0.79 -25.95
C LYS A 157 6.30 1.15 -26.42
N ALA A 158 5.28 0.65 -25.72
CA ALA A 158 3.91 1.07 -25.97
C ALA A 158 3.67 2.32 -25.14
N GLU A 159 3.59 3.46 -25.81
CA GLU A 159 3.52 4.76 -25.13
C GLU A 159 2.11 5.23 -24.81
N ARG A 160 1.16 4.86 -25.65
CA ARG A 160 -0.21 5.30 -25.47
C ARG A 160 -1.13 4.23 -25.98
N ILE A 161 -2.16 3.94 -25.19
CA ILE A 161 -3.06 2.85 -25.50
C ILE A 161 -4.44 3.41 -25.77
N ASN A 162 -5.02 3.01 -26.89
CA ASN A 162 -6.36 3.44 -27.26
C ASN A 162 -7.25 2.21 -27.20
N VAL A 163 -8.27 2.27 -26.35
CA VAL A 163 -9.11 1.09 -26.10
C VAL A 163 -10.53 1.33 -26.53
N LEU A 164 -11.02 0.50 -27.44
CA LEU A 164 -12.44 0.50 -27.79
C LEU A 164 -13.14 -0.38 -26.77
N ASN A 165 -13.78 0.28 -25.80
CA ASN A 165 -14.35 -0.40 -24.65
C ASN A 165 -15.65 -1.08 -25.04
N VAL A 166 -16.14 -1.93 -24.15
CA VAL A 166 -17.43 -2.60 -24.33
C VAL A 166 -18.61 -1.61 -24.35
N ALA A 167 -19.73 -2.09 -24.86
CA ALA A 167 -20.94 -1.29 -24.96
C ALA A 167 -21.34 -0.67 -23.63
N SER A 168 -21.60 0.63 -23.68
CA SER A 168 -21.86 1.45 -22.52
C SER A 168 -23.21 2.13 -22.73
N PHE A 169 -23.93 2.32 -21.65
CA PHE A 169 -25.32 2.78 -21.74
C PHE A 169 -25.83 3.34 -20.42
N VAL A 170 -26.88 4.14 -20.54
CA VAL A 170 -27.56 4.69 -19.39
C VAL A 170 -28.66 3.74 -18.95
N THR A 171 -28.80 3.51 -17.65
CA THR A 171 -29.93 2.77 -17.12
C THR A 171 -30.98 3.68 -16.46
N ARG A 172 -30.54 4.77 -15.84
CA ARG A 172 -31.49 5.79 -15.35
C ARG A 172 -30.89 7.16 -15.51
N LEU A 173 -31.69 8.08 -16.07
CA LEU A 173 -31.37 9.50 -16.13
C LEU A 173 -32.12 10.27 -15.07
N ALA A 174 -31.40 11.07 -14.29
CA ALA A 174 -32.01 11.98 -13.33
C ALA A 174 -33.03 11.30 -12.41
N ALA A 175 -32.60 10.23 -11.75
CA ALA A 175 -33.41 9.53 -10.76
C ALA A 175 -33.22 10.22 -9.40
N ALA A 176 -34.23 10.13 -8.55
CA ALA A 176 -34.12 10.65 -7.19
C ALA A 176 -33.41 9.63 -6.32
N LEU A 177 -32.50 10.09 -5.48
CA LEU A 177 -31.80 9.23 -4.56
C LEU A 177 -31.76 9.89 -3.19
N GLU A 178 -32.33 9.25 -2.18
CA GLU A 178 -32.27 9.78 -0.80
C GLU A 178 -30.99 9.32 -0.13
N VAL A 179 -30.22 10.27 0.39
CA VAL A 179 -28.95 9.95 1.04
C VAL A 179 -28.90 10.69 2.35
N GLU A 180 -28.67 9.93 3.41
CA GLU A 180 -28.62 10.51 4.75
C GLU A 180 -27.68 11.69 4.82
N GLY A 181 -28.13 12.77 5.43
CA GLY A 181 -27.35 14.00 5.53
C GLY A 181 -27.40 14.91 4.31
N LEU A 182 -27.82 14.40 3.17
CA LEU A 182 -27.77 15.19 1.93
C LEU A 182 -29.16 15.47 1.32
N GLY A 183 -30.21 14.98 1.95
CA GLY A 183 -31.54 15.12 1.39
C GLY A 183 -31.69 14.23 0.15
N THR A 184 -32.29 14.78 -0.90
CA THR A 184 -32.51 14.03 -2.13
C THR A 184 -31.60 14.58 -3.22
N LEU A 185 -30.82 13.69 -3.82
CA LEU A 185 -29.96 14.02 -4.96
C LEU A 185 -30.63 13.58 -6.25
N THR A 186 -30.26 14.24 -7.34
CA THR A 186 -30.61 13.77 -8.67
C THR A 186 -29.38 13.09 -9.23
N VAL A 187 -29.52 11.82 -9.64
CA VAL A 187 -28.38 11.04 -10.08
C VAL A 187 -28.68 10.33 -11.37
N ASP A 188 -27.63 9.85 -12.04
CA ASP A 188 -27.79 8.92 -13.16
C ASP A 188 -27.22 7.57 -12.76
N THR A 189 -27.74 6.48 -13.32
CA THR A 189 -27.03 5.21 -13.23
C THR A 189 -26.72 4.78 -14.63
N ALA A 190 -25.53 4.20 -14.79
CA ALA A 190 -25.06 3.85 -16.11
C ALA A 190 -23.94 2.79 -16.01
N TYR A 191 -23.70 2.15 -17.15
CA TYR A 191 -22.68 1.11 -17.30
C TYR A 191 -21.66 1.53 -18.33
N GLY A 192 -20.38 1.45 -17.97
CA GLY A 192 -19.29 1.76 -18.88
C GLY A 192 -18.24 0.66 -18.88
N GLY A 193 -18.69 -0.57 -18.66
CA GLY A 193 -17.80 -1.68 -18.43
C GLY A 193 -17.72 -2.03 -16.95
N ASP A 194 -18.21 -1.12 -16.12
CA ASP A 194 -18.55 -1.40 -14.73
C ASP A 194 -19.68 -0.42 -14.41
N SER A 195 -20.29 -0.55 -13.25
CA SER A 195 -21.53 0.17 -12.98
C SER A 195 -21.35 1.38 -12.07
N PHE A 196 -22.11 2.42 -12.37
CA PHE A 196 -21.98 3.73 -11.76
C PHE A 196 -23.29 4.34 -11.28
N VAL A 197 -23.24 4.97 -10.10
CA VAL A 197 -24.16 6.07 -9.79
C VAL A 197 -23.36 7.36 -9.98
N ILE A 198 -23.91 8.29 -10.76
CA ILE A 198 -23.19 9.48 -11.17
C ILE A 198 -23.91 10.68 -10.56
N VAL A 199 -23.17 11.53 -9.88
CA VAL A 199 -23.77 12.64 -9.12
C VAL A 199 -22.90 13.89 -9.27
N ASP A 200 -23.53 15.06 -9.28
CA ASP A 200 -22.84 16.34 -9.40
C ASP A 200 -22.21 16.70 -8.06
N ALA A 201 -20.89 16.88 -8.02
CA ALA A 201 -20.21 17.27 -6.79
C ALA A 201 -20.44 18.72 -6.39
N ILE A 202 -20.84 19.57 -7.33
CA ILE A 202 -21.07 20.99 -7.01
C ILE A 202 -22.16 21.16 -5.97
N GLY A 203 -21.80 21.78 -4.85
CA GLY A 203 -22.79 21.96 -3.80
C GLY A 203 -22.88 20.77 -2.84
N LEU A 204 -22.12 19.71 -3.11
CA LEU A 204 -21.97 18.65 -2.11
C LEU A 204 -20.90 19.08 -1.09
N GLY A 205 -20.19 20.18 -1.35
CA GLY A 205 -19.32 20.74 -0.33
C GLY A 205 -17.87 20.27 -0.30
N PHE A 206 -17.43 19.63 -1.37
CA PHE A 206 -16.04 19.23 -1.50
C PHE A 206 -15.53 19.67 -2.88
N SER A 207 -14.27 20.07 -2.92
CA SER A 207 -13.61 20.26 -4.20
C SER A 207 -13.03 18.91 -4.57
N LEU A 208 -12.91 18.65 -5.87
CA LEU A 208 -12.29 17.40 -6.30
C LEU A 208 -10.77 17.55 -6.24
N LYS A 209 -10.21 17.47 -5.01
CA LYS A 209 -8.77 17.69 -4.77
C LYS A 209 -8.15 16.59 -3.97
N PRO A 210 -6.86 16.33 -4.21
CA PRO A 210 -6.20 15.21 -3.53
C PRO A 210 -6.38 15.24 -2.03
N ASP A 211 -6.43 16.42 -1.43
CA ASP A 211 -6.52 16.40 0.03
C ASP A 211 -7.97 16.28 0.50
N GLU A 212 -8.92 16.24 -0.42
CA GLU A 212 -10.28 15.80 -0.09
C GLU A 212 -10.54 14.31 -0.40
N ALA A 213 -9.50 13.59 -0.78
CA ALA A 213 -9.69 12.21 -1.21
C ALA A 213 -10.44 11.36 -0.20
N ARG A 214 -10.06 11.43 1.08
CA ARG A 214 -10.70 10.56 2.08
C ARG A 214 -12.18 10.90 2.22
N GLU A 215 -12.48 12.19 2.31
CA GLU A 215 -13.85 12.66 2.45
C GLU A 215 -14.69 12.24 1.26
N LEU A 216 -14.13 12.40 0.06
CA LEU A 216 -14.81 11.98 -1.15
C LEU A 216 -15.03 10.46 -1.19
N ALA A 217 -14.03 9.69 -0.75
CA ALA A 217 -14.18 8.24 -0.78
C ALA A 217 -15.31 7.82 0.13
N GLU A 218 -15.36 8.42 1.33
CA GLU A 218 -16.41 8.08 2.29
C GLU A 218 -17.80 8.51 1.83
N LEU A 219 -17.88 9.68 1.22
CA LEU A 219 -19.15 10.18 0.70
C LEU A 219 -19.58 9.24 -0.43
N GLY A 220 -18.61 8.86 -1.26
CA GLY A 220 -18.91 7.96 -2.36
C GLY A 220 -19.43 6.61 -1.91
N MET A 221 -18.83 6.02 -0.88
CA MET A 221 -19.32 4.74 -0.36
C MET A 221 -20.78 4.87 0.05
N LYS A 222 -21.10 5.99 0.73
CA LYS A 222 -22.45 6.20 1.26
C LYS A 222 -23.48 6.33 0.13
N ILE A 223 -23.11 7.06 -0.93
CA ILE A 223 -24.00 7.25 -2.09
C ILE A 223 -24.20 5.94 -2.86
N THR A 224 -23.12 5.20 -3.06
CA THR A 224 -23.21 3.89 -3.67
C THR A 224 -24.11 2.95 -2.88
N ALA A 225 -23.94 2.92 -1.56
CA ALA A 225 -24.83 2.09 -0.75
C ALA A 225 -26.30 2.48 -0.97
N ALA A 226 -26.59 3.78 -0.93
CA ALA A 226 -27.97 4.24 -1.13
C ALA A 226 -28.46 3.84 -2.52
N ALA A 227 -27.60 3.98 -3.52
CA ALA A 227 -28.02 3.69 -4.89
C ALA A 227 -28.33 2.19 -5.03
N ASN A 228 -27.54 1.34 -4.36
CA ASN A 228 -27.79 -0.10 -4.40
C ASN A 228 -29.11 -0.47 -3.72
N GLU A 229 -29.46 0.25 -2.68
CA GLU A 229 -30.69 -0.06 -1.99
C GLU A 229 -31.91 0.46 -2.75
N GLN A 230 -31.82 1.66 -3.32
CA GLN A 230 -32.99 2.31 -3.91
C GLN A 230 -33.13 2.17 -5.42
N LEU A 231 -32.03 2.01 -6.14
CA LEU A 231 -32.06 2.03 -7.60
C LEU A 231 -31.58 0.70 -8.23
N GLY A 232 -30.51 0.15 -7.68
CA GLY A 232 -29.98 -1.12 -8.18
C GLY A 232 -29.38 -0.95 -9.55
N PHE A 233 -28.95 -2.08 -10.14
CA PHE A 233 -28.37 -2.09 -11.47
C PHE A 233 -28.52 -3.47 -12.05
N VAL A 234 -28.93 -3.50 -13.31
CA VAL A 234 -29.13 -4.73 -14.08
C VAL A 234 -28.46 -4.54 -15.44
N HIS A 235 -27.56 -5.44 -15.82
CA HIS A 235 -27.02 -5.44 -17.17
C HIS A 235 -27.84 -6.49 -17.95
N PRO A 236 -28.42 -6.11 -19.10
CA PRO A 236 -29.25 -7.07 -19.86
C PRO A 236 -28.60 -8.40 -20.24
N CYS A 237 -27.30 -8.41 -20.50
CA CYS A 237 -26.58 -9.60 -20.94
C CYS A 237 -26.03 -10.56 -19.88
N ASN A 238 -25.89 -10.12 -18.65
CA ASN A 238 -25.31 -11.01 -17.65
C ASN A 238 -25.86 -10.66 -16.29
N ALA A 239 -26.56 -11.63 -15.70
CA ALA A 239 -27.27 -11.43 -14.44
C ALA A 239 -26.33 -11.24 -13.26
N ASP A 240 -25.07 -11.65 -13.39
CA ASP A 240 -24.11 -11.49 -12.29
C ASP A 240 -23.65 -10.04 -12.13
N TRP A 241 -23.88 -9.20 -13.13
CA TRP A 241 -23.43 -7.82 -13.03
C TRP A 241 -24.63 -7.07 -12.50
N ASN A 242 -24.83 -7.18 -11.19
CA ASN A 242 -26.13 -6.89 -10.60
C ASN A 242 -26.07 -5.93 -9.42
N HIS A 243 -25.00 -5.14 -9.34
CA HIS A 243 -24.95 -4.11 -8.30
C HIS A 243 -24.21 -2.91 -8.87
N ILE A 244 -24.35 -1.79 -8.19
CA ILE A 244 -23.59 -0.59 -8.54
C ILE A 244 -22.23 -0.64 -7.85
N SER A 245 -21.14 -0.65 -8.62
CA SER A 245 -19.79 -0.72 -8.03
C SER A 245 -19.24 0.62 -7.54
N PHE A 246 -19.57 1.68 -8.28
CA PHE A 246 -18.89 2.96 -8.12
C PHE A 246 -19.81 4.16 -7.99
N CYS A 247 -19.35 5.13 -7.23
CA CYS A 247 -19.91 6.47 -7.23
C CYS A 247 -18.96 7.42 -7.95
N GLN A 248 -19.48 8.05 -8.99
CA GLN A 248 -18.70 8.98 -9.80
C GLN A 248 -19.23 10.37 -9.46
N MET A 249 -18.40 11.16 -8.78
CA MET A 249 -18.73 12.52 -8.42
C MET A 249 -18.08 13.48 -9.42
N THR A 250 -18.90 14.26 -10.13
CA THR A 250 -18.43 15.05 -11.27
C THR A 250 -18.43 16.55 -10.96
N THR A 251 -17.62 17.31 -11.71
CA THR A 251 -17.87 18.73 -11.85
C THR A 251 -18.24 18.97 -13.31
N PRO A 252 -18.91 20.08 -13.58
CA PRO A 252 -19.49 20.26 -14.91
C PRO A 252 -18.48 20.34 -16.02
N ILE A 253 -18.92 19.87 -17.18
CA ILE A 253 -18.16 19.94 -18.41
C ILE A 253 -17.80 21.38 -18.76
N THR A 254 -16.54 21.58 -19.10
CA THR A 254 -16.05 22.84 -19.57
C THR A 254 -15.34 22.54 -20.88
N ARG A 255 -14.70 23.55 -21.43
CA ARG A 255 -13.83 23.32 -22.55
C ARG A 255 -12.47 23.91 -22.13
N GLU A 256 -11.41 23.12 -22.31
CA GLU A 256 -10.05 23.56 -22.01
C GLU A 256 -9.17 23.31 -23.21
N ASN A 257 -8.44 24.33 -23.63
CA ASN A 257 -7.69 24.31 -24.89
C ASN A 257 -8.53 23.89 -26.07
N GLY A 258 -9.79 24.30 -26.06
CA GLY A 258 -10.68 24.04 -27.15
C GLY A 258 -11.38 22.70 -27.10
N ILE A 259 -11.03 21.85 -26.13
CA ILE A 259 -11.53 20.45 -26.05
C ILE A 259 -12.52 20.26 -24.90
N LEU A 260 -13.65 19.60 -25.16
CA LEU A 260 -14.59 19.33 -24.08
C LEU A 260 -13.89 18.48 -23.03
N THR A 261 -14.09 18.85 -21.77
CA THR A 261 -13.37 18.21 -20.69
C THR A 261 -14.19 18.21 -19.41
N GLY A 262 -13.99 17.18 -18.59
CA GLY A 262 -14.72 17.09 -17.35
C GLY A 262 -13.91 16.31 -16.34
N LYS A 263 -13.98 16.76 -15.10
CA LYS A 263 -13.30 16.06 -14.01
C LYS A 263 -14.29 15.19 -13.23
N SER A 264 -13.77 14.10 -12.67
CA SER A 264 -14.57 13.33 -11.75
C SER A 264 -13.68 12.68 -10.71
N ALA A 265 -14.29 12.30 -9.59
CA ALA A 265 -13.63 11.49 -8.59
C ALA A 265 -14.49 10.25 -8.44
N VAL A 266 -13.93 9.09 -8.76
CA VAL A 266 -14.65 7.83 -8.64
C VAL A 266 -14.22 7.10 -7.36
N ALA A 267 -15.19 6.82 -6.50
CA ALA A 267 -14.93 6.10 -5.25
C ALA A 267 -15.01 4.60 -5.43
N ILE A 268 -13.88 3.94 -5.20
CA ILE A 268 -13.70 2.52 -5.34
C ILE A 268 -13.78 1.90 -3.96
N ARG A 269 -14.63 0.89 -3.81
CA ARG A 269 -14.75 0.18 -2.53
C ARG A 269 -13.41 -0.48 -2.19
N PRO A 270 -13.00 -0.44 -0.92
CA PRO A 270 -13.75 0.01 0.27
C PRO A 270 -13.53 1.48 0.66
N GLY A 271 -12.90 2.28 -0.21
CA GLY A 271 -12.84 3.72 0.00
C GLY A 271 -11.55 4.34 -0.52
N LYS A 272 -11.40 4.34 -1.84
CA LYS A 272 -10.25 4.94 -2.48
C LYS A 272 -10.73 5.66 -3.74
N ILE A 273 -10.22 6.84 -4.00
CA ILE A 273 -10.51 7.53 -5.24
C ILE A 273 -9.55 7.06 -6.34
N ASP A 274 -10.10 6.70 -7.49
CA ASP A 274 -9.27 6.38 -8.66
C ASP A 274 -8.29 7.54 -8.92
N ARG A 275 -7.00 7.21 -9.06
CA ARG A 275 -6.01 8.20 -9.44
C ARG A 275 -6.07 8.53 -10.94
N SER A 276 -6.60 7.59 -11.75
CA SER A 276 -6.88 7.88 -13.15
C SER A 276 -8.26 8.50 -13.28
N PRO A 277 -8.60 8.99 -14.49
CA PRO A 277 -9.93 9.57 -14.73
C PRO A 277 -11.04 8.54 -14.77
N THR A 278 -10.68 7.26 -14.69
CA THR A 278 -11.61 6.11 -14.70
C THR A 278 -12.19 5.89 -16.09
N GLY A 279 -11.68 4.89 -16.81
CA GLY A 279 -12.09 4.68 -18.19
C GLY A 279 -13.53 4.20 -18.29
N THR A 280 -13.93 3.31 -17.40
CA THR A 280 -15.31 2.89 -17.34
C THR A 280 -16.20 4.05 -16.91
N GLY A 281 -15.70 4.95 -16.08
CA GLY A 281 -16.48 6.11 -15.65
C GLY A 281 -16.63 7.12 -16.79
N CYS A 282 -15.56 7.33 -17.55
CA CYS A 282 -15.66 8.18 -18.74
C CYS A 282 -16.64 7.59 -19.75
N SER A 283 -16.63 6.27 -19.87
CA SER A 283 -17.53 5.59 -20.79
C SER A 283 -18.98 5.82 -20.40
N ALA A 284 -19.25 5.67 -19.11
CA ALA A 284 -20.61 5.88 -18.60
C ALA A 284 -21.04 7.35 -18.73
N ARG A 285 -20.11 8.26 -18.45
CA ARG A 285 -20.44 9.68 -18.53
C ARG A 285 -20.73 10.05 -19.98
N LEU A 286 -19.94 9.50 -20.91
CA LEU A 286 -20.19 9.72 -22.34
C LEU A 286 -21.55 9.20 -22.78
N ALA A 287 -22.00 8.10 -22.18
CA ALA A 287 -23.31 7.56 -22.53
C ALA A 287 -24.41 8.56 -22.09
N VAL A 288 -24.26 9.13 -20.90
CA VAL A 288 -25.19 10.16 -20.41
C VAL A 288 -25.16 11.40 -21.31
N MET A 289 -23.95 11.90 -21.57
CA MET A 289 -23.76 13.05 -22.44
C MET A 289 -24.39 12.80 -23.79
N HIS A 290 -24.19 11.61 -24.33
CA HIS A 290 -24.76 11.34 -25.64
C HIS A 290 -26.28 11.31 -25.57
N ALA A 291 -26.85 10.70 -24.52
CA ALA A 291 -28.30 10.64 -24.37
C ALA A 291 -28.87 12.05 -24.29
N ARG A 292 -28.07 13.00 -23.83
CA ARG A 292 -28.52 14.38 -23.69
C ARG A 292 -28.12 15.31 -24.83
N GLY A 293 -27.57 14.76 -25.90
CA GLY A 293 -27.17 15.55 -27.05
C GLY A 293 -26.01 16.50 -26.77
N GLU A 294 -25.16 16.19 -25.79
CA GLU A 294 -24.03 17.07 -25.48
C GLU A 294 -22.74 16.74 -26.20
N ILE A 295 -22.69 15.59 -26.87
CA ILE A 295 -21.48 15.21 -27.58
C ILE A 295 -21.86 14.25 -28.70
N GLY A 296 -21.23 14.41 -29.85
CA GLY A 296 -21.47 13.54 -30.98
C GLY A 296 -20.42 12.46 -31.17
N ILE A 297 -20.64 11.61 -32.17
CA ILE A 297 -19.71 10.58 -32.55
C ILE A 297 -18.42 11.23 -33.02
N GLY A 298 -17.29 10.74 -32.54
CA GLY A 298 -15.98 11.23 -32.98
C GLY A 298 -15.48 12.48 -32.26
N GLU A 299 -16.34 13.11 -31.47
CA GLU A 299 -15.94 14.32 -30.79
C GLU A 299 -15.11 14.02 -29.54
N THR A 300 -13.95 14.64 -29.43
CA THR A 300 -13.04 14.37 -28.32
C THR A 300 -13.57 14.87 -27.00
N TYR A 301 -13.40 14.05 -25.97
CA TYR A 301 -13.70 14.44 -24.61
C TYR A 301 -12.52 14.05 -23.74
N ILE A 302 -12.03 14.99 -22.94
CA ILE A 302 -10.93 14.68 -22.01
C ILE A 302 -11.45 14.51 -20.59
N GLY A 303 -11.31 13.31 -20.05
CA GLY A 303 -11.66 13.06 -18.68
C GLY A 303 -10.46 13.34 -17.79
N ARG A 304 -10.72 13.98 -16.66
CA ARG A 304 -9.64 14.32 -15.76
C ARG A 304 -9.89 13.71 -14.39
N SER A 305 -8.80 13.37 -13.69
CA SER A 305 -8.89 12.76 -12.37
C SER A 305 -8.63 13.75 -11.24
N ILE A 306 -8.77 13.26 -10.01
CA ILE A 306 -8.47 14.04 -8.83
C ILE A 306 -7.01 14.56 -8.80
N ILE A 307 -6.08 13.86 -9.45
CA ILE A 307 -4.71 14.38 -9.52
C ILE A 307 -4.40 15.03 -10.89
N ASP A 308 -5.44 15.38 -11.62
CA ASP A 308 -5.33 16.03 -12.91
C ASP A 308 -4.65 15.19 -14.00
N SER A 309 -4.69 13.88 -13.89
CA SER A 309 -4.30 13.06 -15.02
C SER A 309 -5.48 13.03 -15.99
N GLU A 310 -5.24 12.53 -17.21
CA GLU A 310 -6.17 12.61 -18.32
C GLU A 310 -6.34 11.32 -19.12
N PHE A 311 -7.58 11.09 -19.56
CA PHE A 311 -7.89 10.10 -20.60
C PHE A 311 -8.53 10.89 -21.74
N LYS A 312 -8.08 10.64 -22.97
CA LYS A 312 -8.63 11.28 -24.15
C LYS A 312 -9.62 10.27 -24.75
N CYS A 313 -10.88 10.67 -24.85
CA CYS A 313 -11.95 9.76 -25.17
C CYS A 313 -12.79 10.25 -26.32
N HIS A 314 -13.53 9.33 -26.94
CA HIS A 314 -14.56 9.73 -27.90
C HIS A 314 -15.49 8.58 -28.14
N ILE A 315 -16.68 8.89 -28.63
CA ILE A 315 -17.63 7.88 -29.06
C ILE A 315 -17.29 7.43 -30.50
N ASP A 316 -17.06 6.14 -30.64
CA ASP A 316 -16.73 5.57 -31.94
C ASP A 316 -17.97 5.23 -32.74
N SER A 317 -19.00 4.70 -32.06
CA SER A 317 -20.18 4.22 -32.76
C SER A 317 -21.31 3.97 -31.77
N LEU A 318 -22.49 3.69 -32.31
CA LEU A 318 -23.69 3.46 -31.51
C LEU A 318 -24.11 2.01 -31.64
N THR A 319 -24.75 1.48 -30.62
CA THR A 319 -25.25 0.12 -30.69
C THR A 319 -26.43 0.00 -29.75
N GLU A 320 -26.94 -1.23 -29.58
CA GLU A 320 -28.12 -1.47 -28.76
C GLU A 320 -27.80 -2.68 -27.87
N ILE A 321 -28.14 -2.59 -26.59
CA ILE A 321 -27.94 -3.69 -25.66
C ILE A 321 -29.29 -3.97 -25.05
N GLY A 322 -29.83 -5.15 -25.33
CA GLY A 322 -31.21 -5.43 -24.97
C GLY A 322 -32.08 -4.32 -25.56
N GLY A 323 -32.94 -3.72 -24.74
CA GLY A 323 -33.77 -2.64 -25.22
C GLY A 323 -33.14 -1.25 -25.07
N LEU A 324 -31.87 -1.21 -24.65
CA LEU A 324 -31.22 0.05 -24.31
C LEU A 324 -30.34 0.58 -25.45
N SER A 325 -30.44 1.88 -25.74
CA SER A 325 -29.49 2.53 -26.63
C SER A 325 -28.13 2.53 -25.95
N ALA A 326 -27.07 2.33 -26.73
CA ALA A 326 -25.74 2.22 -26.14
C ALA A 326 -24.69 2.84 -27.06
N ILE A 327 -23.47 2.97 -26.54
CA ILE A 327 -22.37 3.52 -27.30
C ILE A 327 -21.17 2.59 -27.18
N ARG A 328 -20.26 2.72 -28.15
CA ARG A 328 -18.93 2.10 -28.08
C ARG A 328 -17.92 3.22 -27.93
N PRO A 329 -17.40 3.41 -26.72
CA PRO A 329 -16.48 4.51 -26.47
C PRO A 329 -15.04 4.06 -26.55
N VAL A 330 -14.19 4.97 -27.01
CA VAL A 330 -12.76 4.77 -26.99
C VAL A 330 -12.19 5.58 -25.84
N ILE A 331 -11.36 4.92 -25.03
CA ILE A 331 -10.63 5.55 -23.92
C ILE A 331 -9.14 5.45 -24.22
N SER A 332 -8.42 6.55 -24.13
CA SER A 332 -7.01 6.57 -24.46
C SER A 332 -6.21 7.14 -23.30
N GLY A 333 -5.12 6.48 -22.94
CA GLY A 333 -4.26 6.93 -21.85
C GLY A 333 -2.87 6.34 -21.94
N ARG A 334 -1.96 6.83 -21.12
CA ARG A 334 -0.60 6.35 -21.09
C ARG A 334 -0.37 5.58 -19.80
N ALA A 335 0.48 4.56 -19.86
CA ALA A 335 0.92 3.83 -18.67
C ALA A 335 2.43 3.82 -18.59
N TRP A 336 2.92 3.58 -17.38
CA TRP A 336 4.34 3.52 -17.09
C TRP A 336 4.65 2.34 -16.17
N ILE A 337 5.76 1.68 -16.46
CA ILE A 337 6.25 0.57 -15.67
C ILE A 337 6.85 1.09 -14.38
N THR A 338 6.48 0.49 -13.26
CA THR A 338 7.00 0.90 -11.95
C THR A 338 8.03 -0.06 -11.38
N GLY A 339 8.12 -1.23 -11.97
CA GLY A 339 9.05 -2.24 -11.51
C GLY A 339 8.70 -3.61 -12.07
N VAL A 340 9.52 -4.59 -11.71
CA VAL A 340 9.28 -5.98 -12.01
C VAL A 340 9.49 -6.73 -10.69
N SER A 341 8.58 -7.64 -10.35
CA SER A 341 8.67 -8.32 -9.06
C SER A 341 8.38 -9.80 -9.18
N GLN A 342 8.86 -10.55 -8.20
CA GLN A 342 8.59 -11.96 -8.07
C GLN A 342 8.07 -12.22 -6.68
N LEU A 343 6.78 -12.51 -6.58
CA LEU A 343 6.16 -12.73 -5.28
C LEU A 343 6.33 -14.15 -4.85
N MET A 344 6.63 -14.31 -3.57
CA MET A 344 6.92 -15.62 -2.99
C MET A 344 6.21 -15.82 -1.67
N LEU A 345 5.97 -17.08 -1.34
CA LEU A 345 5.35 -17.43 -0.08
C LEU A 345 6.17 -18.49 0.63
N ASP A 346 6.71 -18.13 1.78
CA ASP A 346 7.41 -19.08 2.65
C ASP A 346 6.34 -19.93 3.35
N PRO A 347 6.47 -21.27 3.28
CA PRO A 347 5.44 -22.13 3.88
C PRO A 347 5.33 -22.00 5.40
N THR A 348 6.27 -21.32 6.07
CA THR A 348 6.12 -21.11 7.50
C THR A 348 5.59 -19.72 7.81
N ASP A 349 5.33 -18.92 6.79
CA ASP A 349 4.80 -17.57 7.00
C ASP A 349 3.39 -17.73 7.62
N PRO A 350 3.16 -17.12 8.80
CA PRO A 350 1.85 -17.28 9.44
C PRO A 350 0.71 -16.57 8.73
N TRP A 351 0.98 -15.72 7.75
CA TRP A 351 -0.08 -14.98 7.06
C TRP A 351 -0.06 -15.25 5.54
N PRO A 352 -0.35 -16.49 5.14
CA PRO A 352 -0.22 -16.84 3.72
C PRO A 352 -1.20 -16.08 2.82
N SER A 353 -2.29 -15.58 3.40
CA SER A 353 -3.27 -14.79 2.67
C SER A 353 -3.22 -13.35 3.10
N GLY A 354 -2.12 -12.95 3.74
CA GLY A 354 -2.00 -11.59 4.24
C GLY A 354 -3.04 -11.30 5.31
N TYR A 355 -3.39 -10.03 5.44
CA TYR A 355 -4.35 -9.58 6.44
C TYR A 355 -4.89 -8.25 5.97
N GLN A 356 -6.00 -7.82 6.57
CA GLN A 356 -6.57 -6.50 6.36
C GLN A 356 -6.86 -5.86 7.72
N LEU A 357 -6.35 -4.64 7.92
CA LEU A 357 -6.63 -3.89 9.13
C LEU A 357 -7.18 -2.53 8.77
N SER A 358 -8.07 -2.02 9.61
CA SER A 358 -8.84 -0.83 9.26
C SER A 358 -8.03 0.45 9.21
N ASP A 359 -6.80 0.47 9.74
CA ASP A 359 -6.00 1.68 9.65
C ASP A 359 -5.58 2.00 8.22
N THR A 360 -5.30 0.96 7.43
CA THR A 360 -4.80 1.14 6.05
C THR A 360 -5.68 0.47 4.97
N TRP A 361 -6.68 -0.28 5.41
CA TRP A 361 -7.62 -0.91 4.50
C TRP A 361 -9.02 -0.58 5.03
N PRO A 362 -9.68 0.45 4.46
CA PRO A 362 -10.94 0.91 5.07
C PRO A 362 -11.96 -0.21 5.27
N ALA A 363 -12.56 -0.23 6.44
CA ALA A 363 -13.52 -1.26 6.80
C ALA A 363 -14.86 -1.01 6.11
N ILE A 364 -15.61 -2.08 5.87
CA ILE A 364 -17.00 -1.96 5.42
C ILE A 364 -17.85 -1.27 6.47
N LEU B 13 17.87 -16.14 -4.00
CA LEU B 13 16.68 -16.40 -3.14
C LEU B 13 15.63 -17.30 -3.82
N GLY B 14 16.04 -18.03 -4.85
CA GLY B 14 15.11 -18.85 -5.61
C GLY B 14 14.37 -17.98 -6.63
N THR B 15 15.00 -16.86 -6.96
CA THR B 15 14.44 -15.86 -7.86
C THR B 15 15.16 -15.87 -9.21
N GLU B 16 14.43 -15.49 -10.26
CA GLU B 16 14.98 -15.41 -11.63
C GLU B 16 15.57 -14.04 -11.92
N ASN B 17 16.66 -14.00 -12.69
CA ASN B 17 17.20 -12.71 -13.11
C ASN B 17 16.50 -12.26 -14.40
N LEU B 18 15.41 -11.51 -14.23
CA LEU B 18 14.54 -11.12 -15.33
C LEU B 18 15.10 -9.89 -16.03
N TYR B 19 14.98 -9.86 -17.35
CA TYR B 19 15.41 -8.71 -18.13
C TYR B 19 14.42 -8.39 -19.27
N PHE B 20 14.04 -7.12 -19.37
CA PHE B 20 13.17 -6.68 -20.47
C PHE B 20 13.81 -5.47 -21.16
N GLN B 21 14.19 -5.65 -22.41
CA GLN B 21 14.88 -4.61 -23.18
C GLN B 21 14.09 -3.29 -23.24
N SER B 22 12.76 -3.38 -23.28
CA SER B 22 11.93 -2.17 -23.40
C SER B 22 12.05 -1.31 -22.13
N MET B 23 12.60 -1.89 -21.08
CA MET B 23 12.74 -1.16 -19.82
C MET B 23 14.17 -0.65 -19.59
N ARG B 24 15.02 -0.77 -20.61
CA ARG B 24 16.44 -0.45 -20.42
C ARG B 24 16.72 1.00 -19.97
N THR B 25 15.84 1.94 -20.28
CA THR B 25 16.08 3.35 -19.88
C THR B 25 15.70 3.68 -18.43
N ASN B 26 15.05 2.75 -17.74
CA ASN B 26 14.61 3.00 -16.37
C ASN B 26 15.77 2.91 -15.35
N LYS B 27 15.82 3.83 -14.38
CA LYS B 27 16.74 3.67 -13.24
C LYS B 27 16.18 2.49 -12.41
N VAL B 28 17.06 1.70 -11.76
CA VAL B 28 16.64 0.42 -11.14
C VAL B 28 17.21 0.20 -9.74
N ILE B 29 16.32 -0.02 -8.79
CA ILE B 29 16.69 -0.32 -7.42
C ILE B 29 16.26 -1.74 -7.06
N HIS B 30 17.19 -2.51 -6.52
CA HIS B 30 16.97 -3.92 -6.18
C HIS B 30 16.54 -4.08 -4.74
N VAL B 31 15.37 -4.70 -4.55
CA VAL B 31 14.73 -4.78 -3.23
C VAL B 31 14.39 -6.23 -2.90
N ILE B 32 14.61 -6.61 -1.64
CA ILE B 32 14.09 -7.87 -1.14
C ILE B 32 12.91 -7.54 -0.22
N GLY B 33 11.74 -8.11 -0.51
CA GLY B 33 10.56 -7.88 0.30
C GLY B 33 10.58 -8.76 1.52
N VAL B 34 10.26 -8.20 2.68
CA VAL B 34 10.30 -8.92 3.93
C VAL B 34 9.27 -8.37 4.91
N HIS B 35 8.77 -9.23 5.79
CA HIS B 35 8.12 -8.74 6.98
C HIS B 35 8.61 -9.51 8.19
N ALA B 36 8.59 -8.83 9.35
CA ALA B 36 8.96 -9.44 10.62
C ALA B 36 7.74 -9.40 11.54
N GLU B 37 7.21 -10.57 11.87
CA GLU B 37 6.03 -10.72 12.72
C GLU B 37 4.88 -9.84 12.23
N GLY B 38 4.83 -9.72 10.91
CA GLY B 38 3.75 -9.04 10.21
C GLY B 38 4.08 -7.64 9.71
N GLU B 39 5.14 -7.05 10.24
CA GLU B 39 5.49 -5.66 9.93
C GLU B 39 6.51 -5.59 8.79
N VAL B 40 6.09 -4.96 7.69
CA VAL B 40 6.94 -4.87 6.51
C VAL B 40 8.26 -4.15 6.77
N GLY B 41 9.34 -4.72 6.25
CA GLY B 41 10.67 -4.12 6.29
C GLY B 41 11.45 -4.52 5.04
N ASP B 42 11.12 -3.91 3.91
CA ASP B 42 11.81 -4.22 2.68
C ASP B 42 13.29 -3.78 2.77
N VAL B 43 14.16 -4.40 1.99
CA VAL B 43 15.60 -4.15 2.10
C VAL B 43 16.18 -3.86 0.73
N ILE B 44 16.71 -2.65 0.57
CA ILE B 44 17.37 -2.27 -0.67
C ILE B 44 18.77 -2.85 -0.69
N VAL B 45 19.03 -3.74 -1.65
CA VAL B 45 20.31 -4.39 -1.76
C VAL B 45 21.16 -3.91 -2.95
N GLY B 46 20.62 -3.09 -3.85
CA GLY B 46 21.40 -2.67 -5.00
C GLY B 46 20.79 -1.44 -5.64
N GLY B 47 21.60 -0.67 -6.37
CA GLY B 47 21.10 0.45 -7.15
C GLY B 47 21.12 1.79 -6.46
N VAL B 48 21.50 1.82 -5.19
CA VAL B 48 21.54 3.07 -4.45
C VAL B 48 22.89 3.24 -3.75
N SER B 49 23.58 4.31 -4.11
CA SER B 49 24.87 4.65 -3.53
C SER B 49 24.71 5.11 -2.09
N PRO B 50 25.71 4.81 -1.26
CA PRO B 50 25.72 5.30 0.12
C PRO B 50 25.51 6.82 0.14
N PRO B 51 24.64 7.33 1.00
CA PRO B 51 24.52 8.79 1.10
C PRO B 51 25.83 9.41 1.57
N PRO B 52 25.99 10.72 1.36
CA PRO B 52 27.12 11.46 1.91
C PRO B 52 27.04 11.54 3.43
N GLY B 53 28.19 11.55 4.08
CA GLY B 53 28.23 11.68 5.53
C GLY B 53 29.35 10.84 6.09
N ASP B 54 30.01 11.34 7.13
CA ASP B 54 31.12 10.64 7.76
C ASP B 54 30.60 9.59 8.73
N THR B 55 29.46 9.86 9.34
CA THR B 55 28.81 8.89 10.25
C THR B 55 27.51 8.32 9.66
N LEU B 56 27.12 7.15 10.15
CA LEU B 56 25.87 6.57 9.69
C LEU B 56 24.74 7.50 10.06
N TRP B 57 24.83 8.11 11.23
CA TRP B 57 23.82 9.07 11.66
C TRP B 57 23.68 10.19 10.64
N GLU B 58 24.82 10.70 10.17
CA GLU B 58 24.83 11.81 9.20
C GLU B 58 24.21 11.37 7.87
N GLN B 59 24.55 10.16 7.44
CA GLN B 59 23.98 9.61 6.22
C GLN B 59 22.45 9.52 6.35
N SER B 60 21.96 9.13 7.51
CA SER B 60 20.53 9.01 7.72
C SER B 60 19.87 10.40 7.73
N ARG B 61 20.59 11.41 8.19
CA ARG B 61 20.08 12.78 8.17
C ARG B 61 19.94 13.26 6.73
N PHE B 62 20.89 12.88 5.88
CA PHE B 62 20.76 13.16 4.46
C PHE B 62 19.51 12.54 3.86
N ILE B 63 19.33 11.25 4.13
CA ILE B 63 18.14 10.56 3.63
C ILE B 63 16.91 11.31 4.07
N ALA B 64 16.87 11.72 5.34
CA ALA B 64 15.69 12.39 5.86
C ALA B 64 15.45 13.77 5.22
N SER B 65 16.52 14.50 4.94
CA SER B 65 16.36 15.88 4.45
C SER B 65 16.24 15.89 2.93
N ASP B 66 16.98 15.04 2.25
CA ASP B 66 16.92 14.98 0.78
C ASP B 66 15.57 14.46 0.27
N GLU B 67 15.08 13.39 0.89
CA GLU B 67 13.74 12.84 0.63
C GLU B 67 13.53 12.06 -0.69
N THR B 68 14.45 12.17 -1.63
CA THR B 68 14.23 11.58 -2.96
C THR B 68 14.00 10.07 -2.87
N LEU B 69 14.92 9.35 -2.25
CA LEU B 69 14.78 7.90 -2.09
C LEU B 69 13.52 7.55 -1.28
N ARG B 70 13.35 8.22 -0.14
CA ARG B 70 12.19 8.00 0.72
C ARG B 70 10.90 8.08 -0.10
N ASN B 71 10.74 9.15 -0.89
CA ASN B 71 9.49 9.32 -1.60
C ASN B 71 9.32 8.25 -2.69
N PHE B 72 10.40 7.94 -3.39
CA PHE B 72 10.33 6.95 -4.47
C PHE B 72 9.89 5.58 -3.95
N VAL B 73 10.42 5.14 -2.81
CA VAL B 73 10.16 3.78 -2.36
C VAL B 73 8.95 3.68 -1.42
N LEU B 74 8.60 4.76 -0.72
CA LEU B 74 7.50 4.71 0.23
C LEU B 74 6.17 5.15 -0.35
N ASN B 75 6.17 6.13 -1.25
CA ASN B 75 4.91 6.59 -1.83
C ASN B 75 4.34 5.62 -2.86
N GLU B 76 3.03 5.55 -2.90
CA GLU B 76 2.36 5.00 -4.06
C GLU B 76 2.94 5.74 -5.26
N PRO B 77 3.03 5.06 -6.41
CA PRO B 77 2.44 3.74 -6.69
C PRO B 77 3.34 2.54 -6.33
N ARG B 78 4.55 2.75 -5.82
CA ARG B 78 5.45 1.62 -5.50
C ARG B 78 5.43 1.14 -4.05
N GLY B 79 5.09 2.02 -3.11
CA GLY B 79 5.20 1.66 -1.69
C GLY B 79 3.86 1.46 -1.00
N GLY B 80 3.38 2.51 -0.37
CA GLY B 80 2.18 2.41 0.45
C GLY B 80 2.54 2.73 1.89
N VAL B 81 1.58 3.27 2.63
CA VAL B 81 1.85 3.77 3.97
C VAL B 81 2.17 2.64 4.94
N PHE B 82 1.83 1.40 4.55
CA PHE B 82 2.14 0.25 5.42
C PHE B 82 3.59 -0.24 5.30
N ARG B 83 4.35 0.30 4.35
CA ARG B 83 5.73 -0.18 4.18
C ARG B 83 6.73 0.57 5.02
N HIS B 84 7.81 -0.10 5.38
CA HIS B 84 9.05 0.55 5.76
C HIS B 84 10.08 0.00 4.77
N VAL B 85 11.10 0.77 4.45
CA VAL B 85 12.16 0.32 3.55
C VAL B 85 13.51 0.66 4.18
N ASN B 86 14.42 -0.31 4.15
CA ASN B 86 15.72 -0.17 4.75
C ASN B 86 16.80 -0.15 3.67
N LEU B 87 17.66 0.85 3.73
CA LEU B 87 18.77 0.96 2.78
C LEU B 87 20.06 0.42 3.41
N LEU B 88 20.61 -0.64 2.81
CA LEU B 88 21.90 -1.16 3.23
C LEU B 88 23.00 -0.22 2.74
N VAL B 89 23.93 0.09 3.64
CA VAL B 89 25.12 0.88 3.32
C VAL B 89 26.34 0.26 4.00
N PRO B 90 27.54 0.57 3.49
CA PRO B 90 28.74 0.13 4.20
C PRO B 90 28.75 0.64 5.64
N PRO B 91 29.29 -0.15 6.57
CA PRO B 91 29.41 0.27 7.97
C PRO B 91 30.41 1.40 8.14
N LYS B 92 30.14 2.34 9.04
CA LYS B 92 31.12 3.35 9.41
C LYS B 92 31.90 2.87 10.63
N ASP B 93 31.18 2.34 11.62
CA ASP B 93 31.79 1.85 12.85
C ASP B 93 32.55 0.57 12.56
N PRO B 94 33.84 0.51 12.92
CA PRO B 94 34.72 -0.64 12.63
C PRO B 94 34.20 -1.95 13.18
N ARG B 95 33.41 -1.90 14.25
CA ARG B 95 32.82 -3.12 14.82
C ARG B 95 31.83 -3.80 13.86
N ALA B 96 31.18 -3.02 13.00
CA ALA B 96 30.04 -3.52 12.21
C ALA B 96 30.42 -4.10 10.86
N GLN B 97 29.64 -5.07 10.39
CA GLN B 97 29.83 -5.65 9.07
C GLN B 97 28.95 -5.01 8.00
N MET B 98 27.88 -4.33 8.41
CA MET B 98 26.95 -3.71 7.48
C MET B 98 26.17 -2.63 8.21
N GLY B 99 25.93 -1.51 7.53
CA GLY B 99 25.07 -0.48 8.07
C GLY B 99 23.71 -0.52 7.39
N PHE B 100 22.71 0.10 8.02
CA PHE B 100 21.40 0.23 7.39
C PHE B 100 20.69 1.48 7.85
N ILE B 101 19.90 2.07 6.95
CA ILE B 101 19.13 3.25 7.26
C ILE B 101 17.67 2.93 7.09
N ILE B 102 16.91 3.15 8.16
CA ILE B 102 15.50 2.80 8.21
C ILE B 102 14.63 3.96 7.75
N MET B 103 13.80 3.70 6.74
CA MET B 103 12.85 4.69 6.26
C MET B 103 11.44 4.27 6.59
N GLU B 104 10.84 5.00 7.54
CA GLU B 104 9.44 4.79 7.93
C GLU B 104 8.61 5.88 7.27
N PRO B 105 7.28 5.72 7.27
CA PRO B 105 6.42 6.60 6.44
C PRO B 105 6.65 8.08 6.69
N ALA B 106 6.95 8.51 7.91
CA ALA B 106 7.10 9.94 8.18
C ALA B 106 8.32 10.21 9.06
N ASP B 107 9.30 9.34 9.03
CA ASP B 107 10.46 9.50 9.90
C ASP B 107 11.59 8.56 9.48
N THR B 108 12.79 8.93 9.88
CA THR B 108 14.01 8.19 9.55
C THR B 108 14.70 8.05 10.91
N PRO B 109 14.41 6.95 11.62
CA PRO B 109 14.76 6.86 13.05
C PRO B 109 16.11 6.23 13.38
N PRO B 110 16.52 6.32 14.67
CA PRO B 110 17.79 5.73 15.10
C PRO B 110 17.76 4.20 15.04
N MET B 111 16.59 3.61 15.30
CA MET B 111 16.47 2.15 15.26
C MET B 111 15.01 1.70 15.10
N SER B 112 14.86 0.44 14.70
CA SER B 112 13.54 -0.17 14.59
C SER B 112 13.76 -1.68 14.72
N GLY B 113 13.10 -2.30 15.69
CA GLY B 113 13.29 -3.71 15.95
C GLY B 113 12.88 -4.60 14.79
N SER B 114 11.63 -4.44 14.35
CA SER B 114 11.10 -5.29 13.26
C SER B 114 11.96 -5.11 11.99
N ASN B 115 12.37 -3.88 11.72
CA ASN B 115 13.13 -3.61 10.51
C ASN B 115 14.54 -4.19 10.63
N SER B 116 15.13 -4.12 11.82
CA SER B 116 16.45 -4.73 12.02
C SER B 116 16.40 -6.25 11.83
N ILE B 117 15.27 -6.85 12.19
CA ILE B 117 15.08 -8.28 12.02
C ILE B 117 14.93 -8.60 10.52
N CYS B 118 14.17 -7.78 9.79
CA CYS B 118 14.04 -7.95 8.34
C CYS B 118 15.40 -7.82 7.63
N VAL B 119 16.16 -6.81 8.03
CA VAL B 119 17.48 -6.57 7.49
C VAL B 119 18.38 -7.79 7.70
N SER B 120 18.37 -8.32 8.93
CA SER B 120 19.24 -9.44 9.27
C SER B 120 18.86 -10.67 8.40
N THR B 121 17.55 -10.87 8.24
CA THR B 121 17.04 -12.03 7.54
C THR B 121 17.38 -11.96 6.05
N ALA B 122 17.18 -10.78 5.46
CA ALA B 122 17.46 -10.56 4.03
C ALA B 122 18.96 -10.72 3.75
N ILE B 123 19.78 -10.16 4.63
CA ILE B 123 21.22 -10.20 4.46
C ILE B 123 21.72 -11.63 4.44
N LEU B 124 21.23 -12.45 5.36
CA LEU B 124 21.69 -13.82 5.47
C LEU B 124 21.07 -14.71 4.42
N ASP B 125 19.77 -14.58 4.16
CA ASP B 125 19.11 -15.44 3.19
C ASP B 125 19.64 -15.23 1.77
N SER B 126 20.12 -14.03 1.47
CA SER B 126 20.59 -13.71 0.13
C SER B 126 22.11 -13.87 0.00
N GLY B 127 22.79 -14.19 1.10
CA GLY B 127 24.22 -14.44 1.06
C GLY B 127 25.09 -13.20 1.11
N ILE B 128 24.51 -12.04 1.41
CA ILE B 128 25.30 -10.82 1.50
C ILE B 128 26.34 -10.96 2.59
N ILE B 129 25.96 -11.61 3.67
CA ILE B 129 26.91 -12.04 4.68
C ILE B 129 26.72 -13.54 4.75
N SER B 130 27.80 -14.29 4.90
CA SER B 130 27.70 -15.74 4.88
C SER B 130 26.98 -16.28 6.13
N MET B 131 26.33 -17.43 5.94
CA MET B 131 25.51 -18.02 6.97
C MET B 131 26.18 -19.20 7.59
N GLN B 132 26.31 -19.17 8.92
CA GLN B 132 26.71 -20.35 9.66
C GLN B 132 25.49 -20.99 10.33
N GLU B 133 25.53 -22.31 10.49
CA GLU B 133 24.47 -23.03 11.18
C GLU B 133 25.07 -23.86 12.31
N PRO B 134 24.37 -23.95 13.44
CA PRO B 134 23.01 -23.45 13.70
C PRO B 134 22.91 -21.97 14.06
N LEU B 135 24.03 -21.30 14.32
CA LEU B 135 24.00 -19.88 14.68
C LEU B 135 24.92 -19.03 13.81
N THR B 136 24.42 -17.90 13.36
CA THR B 136 25.29 -16.88 12.78
C THR B 136 25.28 -15.67 13.69
N HIS B 137 26.47 -15.18 13.98
CA HIS B 137 26.64 -13.96 14.76
C HIS B 137 27.08 -12.86 13.83
N MET B 138 26.43 -11.70 13.92
CA MET B 138 26.93 -10.54 13.20
C MET B 138 26.66 -9.24 13.95
N VAL B 139 27.38 -8.21 13.55
CA VAL B 139 27.25 -6.89 14.13
C VAL B 139 26.79 -5.97 13.01
N LEU B 140 25.69 -5.26 13.24
CA LEU B 140 25.15 -4.34 12.26
C LEU B 140 25.19 -2.96 12.84
N GLU B 141 25.18 -1.95 11.97
CA GLU B 141 25.14 -0.59 12.46
C GLU B 141 23.87 0.08 11.99
N ALA B 142 23.11 0.59 12.94
CA ALA B 142 21.93 1.41 12.65
C ALA B 142 22.30 2.86 12.94
N PRO B 143 21.48 3.80 12.46
CA PRO B 143 21.86 5.20 12.71
C PRO B 143 22.03 5.50 14.20
N GLY B 144 21.29 4.80 15.06
CA GLY B 144 21.33 5.05 16.49
C GLY B 144 22.37 4.25 17.24
N GLY B 145 23.18 3.48 16.50
CA GLY B 145 24.24 2.72 17.12
C GLY B 145 24.35 1.30 16.60
N VAL B 146 25.40 0.63 17.05
CA VAL B 146 25.68 -0.74 16.73
C VAL B 146 24.71 -1.69 17.47
N ILE B 147 24.31 -2.74 16.77
CA ILE B 147 23.49 -3.78 17.36
C ILE B 147 24.15 -5.12 17.07
N GLU B 148 24.04 -6.03 18.04
CA GLU B 148 24.62 -7.36 17.89
C GLU B 148 23.49 -8.34 17.59
N VAL B 149 23.70 -9.18 16.58
CA VAL B 149 22.65 -10.04 16.11
C VAL B 149 23.11 -11.47 16.18
N THR B 150 22.26 -12.34 16.71
CA THR B 150 22.45 -13.78 16.60
C THR B 150 21.28 -14.33 15.83
N ALA B 151 21.55 -14.90 14.66
CA ALA B 151 20.51 -15.52 13.85
C ALA B 151 20.56 -17.03 14.01
N GLU B 152 19.40 -17.61 14.30
CA GLU B 152 19.25 -19.06 14.36
C GLU B 152 18.90 -19.52 12.97
N CYS B 153 19.82 -20.28 12.37
CA CYS B 153 19.74 -20.65 10.97
C CYS B 153 19.68 -22.15 10.77
N ALA B 154 18.86 -22.58 9.82
CA ALA B 154 18.77 -23.98 9.49
C ALA B 154 18.32 -24.13 8.04
N ASN B 155 18.91 -25.08 7.33
CA ASN B 155 18.51 -25.38 5.96
C ASN B 155 18.64 -24.18 5.04
N GLY B 156 19.71 -23.41 5.23
CA GLY B 156 19.98 -22.25 4.41
C GLY B 156 19.09 -21.05 4.68
N LYS B 157 18.33 -21.07 5.76
CA LYS B 157 17.44 -19.95 6.10
C LYS B 157 17.65 -19.40 7.53
N ALA B 158 17.57 -18.09 7.66
CA ALA B 158 17.63 -17.46 8.97
C ALA B 158 16.22 -17.44 9.54
N GLU B 159 15.95 -18.34 10.48
CA GLU B 159 14.58 -18.56 10.96
C GLU B 159 14.12 -17.61 12.06
N ARG B 160 15.05 -17.21 12.91
CA ARG B 160 14.77 -16.36 14.06
C ARG B 160 15.98 -15.48 14.34
N ILE B 161 15.72 -14.21 14.56
CA ILE B 161 16.77 -13.25 14.77
C ILE B 161 16.68 -12.72 16.21
N ASN B 162 17.81 -12.76 16.91
CA ASN B 162 17.93 -12.19 18.25
C ASN B 162 18.76 -10.93 18.18
N VAL B 163 18.17 -9.79 18.56
CA VAL B 163 18.86 -8.50 18.41
C VAL B 163 19.15 -7.88 19.76
N LEU B 164 20.43 -7.64 20.03
CA LEU B 164 20.80 -6.89 21.21
C LEU B 164 20.70 -5.43 20.79
N ASN B 165 19.61 -4.79 21.20
CA ASN B 165 19.27 -3.40 20.84
C ASN B 165 20.13 -2.41 21.59
N VAL B 166 20.12 -1.17 21.11
CA VAL B 166 20.87 -0.08 21.73
C VAL B 166 20.30 0.25 23.12
N ALA B 167 21.08 0.99 23.91
CA ALA B 167 20.72 1.31 25.29
C ALA B 167 19.37 2.00 25.33
N SER B 168 18.52 1.51 26.21
CA SER B 168 17.15 1.97 26.35
C SER B 168 16.96 2.48 27.77
N PHE B 169 16.09 3.46 27.95
CA PHE B 169 15.97 4.11 29.24
C PHE B 169 14.68 4.92 29.34
N VAL B 170 14.29 5.20 30.58
CA VAL B 170 13.11 5.97 30.87
C VAL B 170 13.48 7.44 30.84
N THR B 171 12.65 8.27 30.24
CA THR B 171 12.86 9.73 30.31
C THR B 171 11.84 10.39 31.23
N ARG B 172 10.63 9.84 31.33
CA ARG B 172 9.67 10.33 32.32
C ARG B 172 8.77 9.23 32.81
N LEU B 173 8.59 9.17 34.12
CA LEU B 173 7.72 8.20 34.75
C LEU B 173 6.45 8.87 35.28
N ALA B 174 5.29 8.39 34.82
CA ALA B 174 3.99 8.88 35.30
C ALA B 174 3.86 10.39 35.24
N ALA B 175 4.06 10.95 34.04
CA ALA B 175 3.89 12.36 33.82
C ALA B 175 2.44 12.62 33.52
N ALA B 176 1.99 13.83 33.81
CA ALA B 176 0.63 14.25 33.49
C ALA B 176 0.62 14.75 32.05
N LEU B 177 -0.42 14.40 31.31
CA LEU B 177 -0.54 14.80 29.92
C LEU B 177 -1.99 15.14 29.63
N GLU B 178 -2.23 16.39 29.22
CA GLU B 178 -3.56 16.82 28.81
C GLU B 178 -3.82 16.58 27.36
N VAL B 179 -4.92 15.90 27.05
CA VAL B 179 -5.27 15.61 25.69
C VAL B 179 -6.72 15.96 25.45
N GLU B 180 -6.97 16.73 24.40
CA GLU B 180 -8.32 17.16 24.07
C GLU B 180 -9.26 15.96 24.03
N GLY B 181 -10.34 16.04 24.80
CA GLY B 181 -11.37 15.01 24.80
C GLY B 181 -11.16 13.89 25.80
N LEU B 182 -10.00 13.84 26.43
CA LEU B 182 -9.62 12.71 27.27
C LEU B 182 -9.21 13.15 28.66
N GLY B 183 -9.26 14.45 28.90
CA GLY B 183 -8.87 14.96 30.20
C GLY B 183 -7.38 14.76 30.41
N THR B 184 -7.02 14.38 31.62
CA THR B 184 -5.63 14.26 31.99
C THR B 184 -5.24 12.79 32.00
N LEU B 185 -4.22 12.45 31.21
CA LEU B 185 -3.70 11.08 31.21
C LEU B 185 -2.41 11.02 32.01
N THR B 186 -2.10 9.85 32.54
CA THR B 186 -0.82 9.62 33.17
C THR B 186 0.00 8.71 32.25
N VAL B 187 1.16 9.18 31.82
CA VAL B 187 1.92 8.49 30.80
C VAL B 187 3.41 8.41 31.17
N ASP B 188 4.13 7.55 30.46
CA ASP B 188 5.58 7.51 30.56
C ASP B 188 6.16 7.97 29.23
N THR B 189 7.39 8.47 29.25
CA THR B 189 8.14 8.63 28.02
C THR B 189 9.45 7.87 28.22
N ALA B 190 9.93 7.26 27.13
CA ALA B 190 11.11 6.40 27.21
C ALA B 190 11.72 6.23 25.84
N TYR B 191 12.97 5.79 25.83
CA TYR B 191 13.69 5.53 24.59
C TYR B 191 14.04 4.04 24.50
N GLY B 192 13.74 3.43 23.35
CA GLY B 192 14.05 2.04 23.12
C GLY B 192 14.76 1.85 21.79
N GLY B 193 15.49 2.88 21.35
CA GLY B 193 15.99 2.90 19.98
C GLY B 193 15.14 3.83 19.11
N ASP B 194 13.97 4.17 19.65
CA ASP B 194 13.16 5.26 19.13
C ASP B 194 12.36 5.74 20.34
N SER B 195 11.70 6.88 20.21
CA SER B 195 11.08 7.53 21.34
C SER B 195 9.58 7.31 21.44
N PHE B 196 9.12 7.13 22.69
CA PHE B 196 7.75 6.74 23.00
C PHE B 196 7.06 7.55 24.07
N VAL B 197 5.77 7.80 23.87
CA VAL B 197 4.88 8.07 24.98
C VAL B 197 4.03 6.83 25.22
N ILE B 198 4.00 6.35 26.47
CA ILE B 198 3.37 5.07 26.78
C ILE B 198 2.16 5.28 27.68
N VAL B 199 1.03 4.72 27.30
CA VAL B 199 -0.21 4.98 28.01
C VAL B 199 -1.10 3.75 28.02
N ASP B 200 -1.87 3.60 29.08
CA ASP B 200 -2.74 2.44 29.24
C ASP B 200 -4.00 2.56 28.37
N ALA B 201 -4.26 1.55 27.55
CA ALA B 201 -5.40 1.53 26.64
C ALA B 201 -6.71 1.24 27.35
N ILE B 202 -6.64 0.45 28.42
CA ILE B 202 -7.86 0.03 29.10
C ILE B 202 -8.62 1.27 29.57
N GLY B 203 -7.92 2.20 30.19
CA GLY B 203 -8.52 3.44 30.66
C GLY B 203 -9.06 4.26 29.51
N LEU B 204 -8.53 4.06 28.31
CA LEU B 204 -9.00 4.79 27.15
C LEU B 204 -10.19 4.11 26.47
N GLY B 205 -10.60 2.96 27.00
CA GLY B 205 -11.75 2.27 26.46
C GLY B 205 -11.45 1.24 25.37
N PHE B 206 -10.19 0.83 25.24
CA PHE B 206 -9.82 -0.11 24.17
C PHE B 206 -9.23 -1.39 24.74
N SER B 207 -9.43 -2.52 24.08
CA SER B 207 -8.83 -3.75 24.54
C SER B 207 -7.74 -4.22 23.58
N LEU B 208 -7.49 -3.44 22.51
CA LEU B 208 -6.50 -3.75 21.50
C LEU B 208 -6.85 -4.94 20.60
N LYS B 209 -8.10 -4.97 20.13
CA LYS B 209 -8.51 -5.95 19.15
C LYS B 209 -8.25 -5.36 17.76
N PRO B 210 -8.04 -6.20 16.75
CA PRO B 210 -7.70 -5.71 15.41
C PRO B 210 -8.72 -4.77 14.77
N ASP B 211 -10.02 -4.91 15.09
CA ASP B 211 -11.00 -4.02 14.49
C ASP B 211 -10.85 -2.56 15.01
N GLU B 212 -10.06 -2.37 16.06
CA GLU B 212 -9.80 -1.03 16.60
C GLU B 212 -8.64 -0.29 15.90
N ALA B 213 -8.03 -0.90 14.89
CA ALA B 213 -6.77 -0.36 14.33
C ALA B 213 -6.84 1.11 13.93
N ARG B 214 -7.85 1.50 13.16
CA ARG B 214 -7.95 2.91 12.71
C ARG B 214 -8.15 3.87 13.88
N GLU B 215 -9.02 3.49 14.82
CA GLU B 215 -9.31 4.36 15.98
C GLU B 215 -8.07 4.52 16.85
N LEU B 216 -7.34 3.43 17.05
CA LEU B 216 -6.11 3.49 17.83
C LEU B 216 -5.06 4.34 17.15
N ALA B 217 -4.94 4.23 15.83
CA ALA B 217 -3.95 5.04 15.12
C ALA B 217 -4.27 6.52 15.25
N GLU B 218 -5.53 6.88 15.08
CA GLU B 218 -5.91 8.28 15.18
C GLU B 218 -5.76 8.78 16.62
N LEU B 219 -6.17 7.96 17.58
CA LEU B 219 -5.99 8.33 19.00
C LEU B 219 -4.50 8.50 19.30
N GLY B 220 -3.68 7.59 18.79
CA GLY B 220 -2.23 7.65 18.97
C GLY B 220 -1.61 8.91 18.40
N MET B 221 -2.03 9.33 17.21
CA MET B 221 -1.51 10.58 16.63
C MET B 221 -1.77 11.74 17.59
N LYS B 222 -2.96 11.75 18.18
CA LYS B 222 -3.38 12.86 19.03
C LYS B 222 -2.56 12.87 20.33
N ILE B 223 -2.33 11.70 20.88
CA ILE B 223 -1.58 11.59 22.13
C ILE B 223 -0.11 11.94 21.91
N THR B 224 0.47 11.45 20.82
CA THR B 224 1.84 11.78 20.48
C THR B 224 2.02 13.30 20.22
N ALA B 225 1.05 13.93 19.57
CA ALA B 225 1.08 15.36 19.35
C ALA B 225 1.09 16.11 20.68
N ALA B 226 0.19 15.74 21.60
CA ALA B 226 0.17 16.35 22.91
C ALA B 226 1.49 16.14 23.67
N ALA B 227 2.04 14.94 23.60
CA ALA B 227 3.28 14.65 24.31
C ALA B 227 4.44 15.48 23.76
N ASN B 228 4.49 15.68 22.46
CA ASN B 228 5.56 16.47 21.88
C ASN B 228 5.47 17.93 22.32
N GLU B 229 4.24 18.40 22.52
CA GLU B 229 3.99 19.78 22.94
C GLU B 229 4.33 19.99 24.41
N GLN B 230 3.80 19.11 25.27
CA GLN B 230 3.87 19.26 26.72
C GLN B 230 5.08 18.63 27.35
N LEU B 231 5.59 17.51 26.80
CA LEU B 231 6.68 16.80 27.47
C LEU B 231 8.00 16.81 26.70
N GLY B 232 7.91 16.80 25.38
CA GLY B 232 9.10 16.71 24.54
C GLY B 232 9.86 15.43 24.75
N PHE B 233 11.07 15.36 24.21
CA PHE B 233 11.92 14.19 24.40
C PHE B 233 13.38 14.55 24.31
N VAL B 234 14.18 14.05 25.24
CA VAL B 234 15.61 14.27 25.22
C VAL B 234 16.38 12.97 25.35
N HIS B 235 17.27 12.73 24.40
CA HIS B 235 18.23 11.63 24.49
C HIS B 235 19.56 12.24 24.92
N PRO B 236 20.06 11.89 26.12
CA PRO B 236 21.25 12.56 26.65
C PRO B 236 22.46 12.49 25.73
N CYS B 237 22.56 11.47 24.89
CA CYS B 237 23.65 11.39 23.91
C CYS B 237 23.27 11.54 22.44
N ASN B 238 22.10 12.11 22.16
CA ASN B 238 21.73 12.41 20.78
C ASN B 238 20.89 13.65 20.74
N ALA B 239 21.56 14.78 20.52
CA ALA B 239 20.92 16.09 20.48
C ALA B 239 20.01 16.22 19.26
N ASP B 240 20.21 15.38 18.25
CA ASP B 240 19.41 15.44 17.02
C ASP B 240 18.04 14.76 17.11
N TRP B 241 17.81 13.94 18.13
CA TRP B 241 16.52 13.26 18.23
C TRP B 241 15.71 13.87 19.36
N ASN B 242 14.83 14.82 19.01
CA ASN B 242 14.15 15.68 19.99
C ASN B 242 12.64 15.64 19.92
N HIS B 243 12.09 14.54 19.45
CA HIS B 243 10.65 14.42 19.36
C HIS B 243 10.27 13.02 19.74
N ILE B 244 9.02 12.86 20.14
CA ILE B 244 8.41 11.57 20.40
C ILE B 244 7.89 11.03 19.07
N SER B 245 8.30 9.83 18.68
CA SER B 245 7.87 9.28 17.39
C SER B 245 6.54 8.53 17.55
N PHE B 246 6.36 7.87 18.69
CA PHE B 246 5.33 6.84 18.81
C PHE B 246 4.49 6.99 20.06
N CYS B 247 3.21 6.66 19.92
CA CYS B 247 2.34 6.42 21.05
C CYS B 247 2.13 4.92 21.23
N GLN B 248 2.57 4.39 22.36
CA GLN B 248 2.41 2.95 22.64
C GLN B 248 1.27 2.80 23.61
N MET B 249 0.19 2.17 23.14
CA MET B 249 -0.99 1.98 23.95
C MET B 249 -0.98 0.53 24.45
N THR B 250 -0.99 0.36 25.77
CA THR B 250 -0.75 -0.95 26.35
C THR B 250 -1.98 -1.54 27.04
N THR B 251 -1.96 -2.85 27.21
CA THR B 251 -2.82 -3.49 28.20
C THR B 251 -1.91 -4.09 29.24
N PRO B 252 -2.43 -4.28 30.46
CA PRO B 252 -1.50 -4.63 31.54
C PRO B 252 -0.83 -5.98 31.33
N ILE B 253 0.39 -6.07 31.83
CA ILE B 253 1.15 -7.30 31.78
C ILE B 253 0.54 -8.37 32.65
N THR B 254 0.65 -9.61 32.19
CA THR B 254 0.23 -10.75 32.98
C THR B 254 1.32 -11.82 32.91
N ARG B 255 1.16 -12.86 33.72
CA ARG B 255 2.07 -13.99 33.67
C ARG B 255 1.27 -15.19 33.13
N GLU B 256 1.75 -15.73 32.03
CA GLU B 256 1.09 -16.83 31.34
C GLU B 256 2.04 -18.04 31.36
N ASN B 257 1.62 -19.09 32.05
CA ASN B 257 2.44 -20.29 32.23
C ASN B 257 3.86 -19.89 32.66
N GLY B 258 3.93 -18.98 33.62
CA GLY B 258 5.20 -18.61 34.21
C GLY B 258 5.88 -17.43 33.54
N ILE B 259 5.44 -17.07 32.33
CA ILE B 259 6.17 -16.09 31.54
C ILE B 259 5.45 -14.74 31.45
N LEU B 260 6.16 -13.67 31.80
CA LEU B 260 5.60 -12.33 31.68
C LEU B 260 5.30 -11.98 30.23
N THR B 261 4.13 -11.40 30.01
CA THR B 261 3.67 -11.13 28.65
C THR B 261 2.75 -9.90 28.65
N GLY B 262 2.88 -9.08 27.62
CA GLY B 262 2.05 -7.90 27.51
C GLY B 262 1.80 -7.52 26.08
N LYS B 263 0.65 -6.90 25.86
CA LYS B 263 0.25 -6.50 24.53
C LYS B 263 0.32 -4.99 24.44
N SER B 264 0.62 -4.49 23.24
CA SER B 264 0.52 -3.08 22.94
C SER B 264 0.15 -2.85 21.49
N ALA B 265 -0.31 -1.64 21.22
CA ALA B 265 -0.49 -1.15 19.85
C ALA B 265 0.30 0.14 19.71
N VAL B 266 1.27 0.16 18.80
CA VAL B 266 2.11 1.33 18.65
C VAL B 266 1.67 2.09 17.41
N ALA B 267 1.32 3.38 17.59
CA ALA B 267 0.88 4.21 16.48
C ALA B 267 2.06 4.90 15.80
N ILE B 268 2.21 4.57 14.53
CA ILE B 268 3.26 5.05 13.65
C ILE B 268 2.69 6.18 12.80
N ARG B 269 3.37 7.33 12.78
CA ARG B 269 2.90 8.46 11.96
C ARG B 269 2.99 8.07 10.49
N PRO B 270 1.99 8.45 9.69
CA PRO B 270 0.91 9.41 9.98
C PRO B 270 -0.38 8.74 10.46
N GLY B 271 -0.35 7.44 10.75
CA GLY B 271 -1.49 6.83 11.38
C GLY B 271 -1.67 5.36 11.02
N LYS B 272 -0.75 4.54 11.49
CA LYS B 272 -0.78 3.11 11.21
C LYS B 272 -0.29 2.36 12.47
N ILE B 273 -0.98 1.30 12.86
CA ILE B 273 -0.54 0.48 13.99
C ILE B 273 0.51 -0.54 13.52
N ASP B 274 1.62 -0.62 14.23
CA ASP B 274 2.65 -1.63 13.96
C ASP B 274 1.97 -3.01 13.99
N ARG B 275 2.21 -3.84 12.97
CA ARG B 275 1.68 -5.21 12.99
C ARG B 275 2.52 -6.12 13.87
N SER B 276 3.78 -5.72 14.10
CA SER B 276 4.65 -6.45 15.02
C SER B 276 4.46 -5.89 16.42
N PRO B 277 5.00 -6.57 17.44
CA PRO B 277 4.89 -6.02 18.81
C PRO B 277 5.73 -4.79 19.08
N THR B 278 6.55 -4.39 18.10
CA THR B 278 7.41 -3.19 18.13
C THR B 278 8.62 -3.43 19.02
N GLY B 279 9.76 -3.73 18.40
CA GLY B 279 10.96 -4.05 19.17
C GLY B 279 11.45 -2.88 20.01
N THR B 280 11.44 -1.69 19.42
CA THR B 280 11.80 -0.50 20.19
C THR B 280 10.78 -0.21 21.29
N GLY B 281 9.51 -0.54 21.03
CA GLY B 281 8.46 -0.37 22.03
C GLY B 281 8.65 -1.30 23.22
N CYS B 282 8.95 -2.58 22.94
CA CYS B 282 9.21 -3.56 24.01
C CYS B 282 10.46 -3.14 24.79
N SER B 283 11.45 -2.59 24.08
CA SER B 283 12.66 -2.09 24.70
C SER B 283 12.34 -0.97 25.67
N ALA B 284 11.48 -0.06 25.24
CA ALA B 284 11.08 1.07 26.09
C ALA B 284 10.26 0.58 27.28
N ARG B 285 9.32 -0.32 27.04
CA ARG B 285 8.46 -0.86 28.10
C ARG B 285 9.33 -1.63 29.11
N LEU B 286 10.31 -2.39 28.63
CA LEU B 286 11.23 -3.08 29.52
C LEU B 286 12.00 -2.09 30.39
N ALA B 287 12.34 -0.94 29.85
CA ALA B 287 13.06 0.08 30.61
C ALA B 287 12.19 0.60 31.75
N VAL B 288 10.91 0.86 31.46
CA VAL B 288 9.99 1.26 32.51
C VAL B 288 9.81 0.16 33.57
N MET B 289 9.60 -1.07 33.11
CA MET B 289 9.44 -2.18 34.04
C MET B 289 10.66 -2.34 34.95
N HIS B 290 11.86 -2.25 34.40
CA HIS B 290 13.03 -2.44 35.24
C HIS B 290 13.11 -1.29 36.26
N ALA B 291 12.79 -0.09 35.82
CA ALA B 291 12.86 1.09 36.69
C ALA B 291 11.93 0.90 37.85
N ARG B 292 10.82 0.19 37.65
CA ARG B 292 9.86 -0.03 38.73
C ARG B 292 10.03 -1.35 39.43
N GLY B 293 11.16 -2.02 39.20
CA GLY B 293 11.40 -3.33 39.78
C GLY B 293 10.38 -4.39 39.40
N GLU B 294 9.82 -4.30 38.20
CA GLU B 294 8.84 -5.30 37.77
C GLU B 294 9.46 -6.47 36.98
N ILE B 295 10.72 -6.34 36.58
CA ILE B 295 11.42 -7.43 35.89
C ILE B 295 12.92 -7.23 36.09
N GLY B 296 13.66 -8.32 36.12
CA GLY B 296 15.11 -8.24 36.28
C GLY B 296 15.81 -8.79 35.07
N ILE B 297 17.13 -8.67 35.09
CA ILE B 297 17.95 -9.27 34.05
C ILE B 297 17.57 -10.70 33.73
N GLY B 298 17.53 -11.02 32.44
CA GLY B 298 17.37 -12.41 32.00
C GLY B 298 15.94 -12.90 31.83
N GLU B 299 15.04 -12.41 32.67
CA GLU B 299 13.66 -12.84 32.61
C GLU B 299 13.04 -12.60 31.25
N THR B 300 12.34 -13.62 30.77
CA THR B 300 11.67 -13.55 29.49
C THR B 300 10.47 -12.63 29.57
N TYR B 301 10.29 -11.82 28.53
CA TYR B 301 9.10 -10.99 28.36
C TYR B 301 8.59 -11.20 26.94
N ILE B 302 7.36 -11.65 26.82
CA ILE B 302 6.77 -11.84 25.51
C ILE B 302 5.84 -10.65 25.15
N GLY B 303 6.26 -9.83 24.20
CA GLY B 303 5.45 -8.71 23.72
C GLY B 303 4.58 -9.19 22.58
N ARG B 304 3.32 -8.78 22.61
CA ARG B 304 2.37 -9.16 21.59
C ARG B 304 1.81 -7.96 20.88
N SER B 305 1.39 -8.16 19.63
CA SER B 305 0.87 -7.05 18.84
C SER B 305 -0.64 -7.11 18.74
N ILE B 306 -1.17 -6.12 18.04
CA ILE B 306 -2.61 -6.09 17.74
C ILE B 306 -3.09 -7.32 16.94
N ILE B 307 -2.21 -7.96 16.16
CA ILE B 307 -2.63 -9.20 15.46
C ILE B 307 -2.07 -10.45 16.14
N ASP B 308 -1.68 -10.32 17.40
CA ASP B 308 -1.20 -11.44 18.21
C ASP B 308 0.09 -12.05 17.70
N SER B 309 0.89 -11.28 16.97
CA SER B 309 2.24 -11.73 16.70
C SER B 309 3.09 -11.43 17.94
N GLU B 310 4.31 -11.97 17.98
CA GLU B 310 5.11 -12.02 19.21
C GLU B 310 6.59 -11.79 19.01
N PHE B 311 7.18 -11.10 19.98
CA PHE B 311 8.61 -10.96 20.10
C PHE B 311 8.95 -11.49 21.47
N LYS B 312 9.97 -12.34 21.55
CA LYS B 312 10.49 -12.78 22.84
C LYS B 312 11.66 -11.91 23.25
N CYS B 313 11.59 -11.34 24.45
CA CYS B 313 12.53 -10.31 24.83
C CYS B 313 13.11 -10.64 26.18
N HIS B 314 14.27 -10.07 26.47
CA HIS B 314 14.76 -10.02 27.84
C HIS B 314 15.80 -8.92 27.99
N ILE B 315 16.07 -8.52 29.22
CA ILE B 315 17.13 -7.56 29.48
C ILE B 315 18.46 -8.31 29.56
N ASP B 316 19.42 -7.90 28.73
CA ASP B 316 20.70 -8.57 28.67
C ASP B 316 21.61 -8.08 29.78
N SER B 317 21.61 -6.79 30.01
CA SER B 317 22.52 -6.18 30.98
C SER B 317 22.06 -4.77 31.28
N LEU B 318 22.67 -4.16 32.28
CA LEU B 318 22.34 -2.81 32.70
C LEU B 318 23.46 -1.89 32.33
N THR B 319 23.15 -0.61 32.12
CA THR B 319 24.16 0.34 31.74
C THR B 319 23.68 1.73 32.16
N GLU B 320 24.32 2.77 31.63
CA GLU B 320 24.00 4.13 32.02
C GLU B 320 24.15 5.01 30.78
N ILE B 321 23.24 5.96 30.59
CA ILE B 321 23.34 6.91 29.47
C ILE B 321 23.17 8.33 29.97
N GLY B 322 24.22 9.15 29.84
CA GLY B 322 24.21 10.50 30.39
C GLY B 322 23.63 10.55 31.79
N GLY B 323 24.08 9.65 32.66
CA GLY B 323 23.60 9.64 34.03
C GLY B 323 22.21 9.06 34.29
N LEU B 324 21.53 8.58 33.25
CA LEU B 324 20.27 7.87 33.46
C LEU B 324 20.54 6.37 33.51
N SER B 325 19.88 5.69 34.43
CA SER B 325 19.92 4.23 34.44
C SER B 325 19.40 3.75 33.10
N ALA B 326 20.04 2.73 32.53
CA ALA B 326 19.61 2.22 31.24
C ALA B 326 19.74 0.69 31.18
N ILE B 327 19.08 0.11 30.18
CA ILE B 327 19.16 -1.33 29.92
C ILE B 327 19.64 -1.62 28.51
N ARG B 328 20.20 -2.80 28.30
CA ARG B 328 20.47 -3.34 26.96
C ARG B 328 19.50 -4.48 26.75
N PRO B 329 18.43 -4.27 25.97
CA PRO B 329 17.42 -5.31 25.78
C PRO B 329 17.66 -6.15 24.54
N VAL B 330 17.31 -7.43 24.64
CA VAL B 330 17.30 -8.31 23.48
C VAL B 330 15.88 -8.47 22.99
N ILE B 331 15.70 -8.29 21.68
CA ILE B 331 14.41 -8.54 21.02
C ILE B 331 14.58 -9.69 20.04
N SER B 332 13.69 -10.67 20.12
CA SER B 332 13.79 -11.83 19.24
C SER B 332 12.49 -12.04 18.47
N GLY B 333 12.60 -12.29 17.17
CA GLY B 333 11.45 -12.55 16.35
C GLY B 333 11.78 -13.19 15.03
N ARG B 334 10.75 -13.56 14.29
CA ARG B 334 10.92 -14.16 12.97
C ARG B 334 10.47 -13.23 11.86
N ALA B 335 11.15 -13.36 10.72
CA ALA B 335 10.83 -12.65 9.50
C ALA B 335 10.70 -13.63 8.33
N TRP B 336 9.99 -13.21 7.29
CA TRP B 336 9.71 -14.03 6.12
C TRP B 336 9.86 -13.14 4.90
N ILE B 337 10.48 -13.69 3.87
CA ILE B 337 10.67 -13.02 2.59
C ILE B 337 9.35 -13.11 1.85
N THR B 338 8.91 -11.99 1.28
CA THR B 338 7.63 -11.95 0.57
C THR B 338 7.82 -11.85 -0.95
N GLY B 339 9.04 -11.57 -1.39
CA GLY B 339 9.31 -11.36 -2.80
C GLY B 339 10.66 -10.71 -3.02
N VAL B 340 11.00 -10.54 -4.28
N VAL B 340 11.01 -10.55 -4.28
CA VAL B 340 12.14 -9.77 -4.71
CA VAL B 340 12.13 -9.72 -4.68
C VAL B 340 11.63 -8.85 -5.84
C VAL B 340 11.63 -8.85 -5.83
N SER B 341 12.15 -7.63 -5.91
CA SER B 341 11.69 -6.73 -6.95
C SER B 341 12.80 -5.83 -7.44
N GLN B 342 12.61 -5.34 -8.66
CA GLN B 342 13.41 -4.27 -9.19
C GLN B 342 12.48 -3.10 -9.39
N LEU B 343 12.65 -2.06 -8.58
CA LEU B 343 11.85 -0.86 -8.72
C LEU B 343 12.42 -0.01 -9.83
N MET B 344 11.54 0.49 -10.69
CA MET B 344 11.96 1.25 -11.87
C MET B 344 11.31 2.63 -11.92
N LEU B 345 12.06 3.56 -12.50
CA LEU B 345 11.55 4.88 -12.82
C LEU B 345 11.80 5.19 -14.30
N ASP B 346 10.72 5.29 -15.03
CA ASP B 346 10.74 5.70 -16.42
C ASP B 346 10.85 7.22 -16.42
N PRO B 347 11.81 7.77 -17.19
CA PRO B 347 12.06 9.22 -17.19
C PRO B 347 10.88 10.04 -17.68
N THR B 348 9.91 9.42 -18.33
CA THR B 348 8.70 10.13 -18.75
C THR B 348 7.51 9.95 -17.81
N ASP B 349 7.66 9.20 -16.73
CA ASP B 349 6.58 9.05 -15.75
C ASP B 349 6.34 10.41 -15.08
N PRO B 350 5.08 10.92 -15.11
CA PRO B 350 4.87 12.26 -14.54
C PRO B 350 4.93 12.28 -13.01
N TRP B 351 5.06 11.15 -12.32
CA TRP B 351 5.15 11.17 -10.86
C TRP B 351 6.41 10.49 -10.37
N PRO B 352 7.58 11.08 -10.67
CA PRO B 352 8.84 10.43 -10.28
C PRO B 352 9.01 10.26 -8.77
N SER B 353 8.31 11.06 -7.98
CA SER B 353 8.34 10.92 -6.52
C SER B 353 7.05 10.35 -5.96
N GLY B 354 6.23 9.74 -6.82
CA GLY B 354 4.96 9.20 -6.37
C GLY B 354 4.04 10.32 -5.95
N TYR B 355 3.05 10.01 -5.13
CA TYR B 355 2.10 11.00 -4.65
C TYR B 355 1.54 10.48 -3.33
N GLN B 356 0.81 11.34 -2.63
CA GLN B 356 0.16 10.99 -1.40
C GLN B 356 -1.24 11.57 -1.45
N LEU B 357 -2.24 10.76 -1.14
CA LEU B 357 -3.63 11.21 -1.09
C LEU B 357 -4.21 10.72 0.22
N SER B 358 -5.15 11.48 0.77
CA SER B 358 -5.58 11.30 2.16
C SER B 358 -6.49 10.08 2.32
N ASP B 359 -6.98 9.52 1.21
CA ASP B 359 -7.77 8.28 1.30
C ASP B 359 -6.92 7.09 1.76
N THR B 360 -5.69 7.00 1.28
CA THR B 360 -4.85 5.85 1.62
C THR B 360 -3.56 6.22 2.35
N TRP B 361 -3.27 7.52 2.46
CA TRP B 361 -2.12 7.98 3.21
C TRP B 361 -2.64 9.03 4.19
N PRO B 362 -2.88 8.64 5.45
CA PRO B 362 -3.58 9.51 6.39
C PRO B 362 -2.98 10.92 6.48
N ALA B 363 -3.86 11.91 6.43
CA ALA B 363 -3.43 13.30 6.39
C ALA B 363 -3.01 13.82 7.75
N ILE B 364 -2.16 14.86 7.67
CA ILE B 364 -1.87 15.85 8.72
C ILE B 364 -0.42 15.76 9.13
C1 CIT C . -23.95 14.66 -12.70
O1 CIT C . -23.84 15.76 -13.31
O2 CIT C . -22.90 14.07 -12.34
C2 CIT C . -25.29 14.03 -12.41
C3 CIT C . -26.43 14.58 -13.28
O7 CIT C . -26.21 14.22 -14.69
C4 CIT C . -27.78 14.05 -12.76
C5 CIT C . -28.87 14.40 -13.75
O3 CIT C . -29.35 15.56 -13.76
O4 CIT C . -29.28 13.55 -14.57
C6 CIT C . -26.50 16.10 -13.25
O5 CIT C . -26.42 16.79 -14.30
O6 CIT C . -26.61 16.66 -12.15
H21 CIT C . -25.54 14.19 -11.36
H22 CIT C . -25.22 12.95 -12.57
HO7 CIT C . -26.16 15.03 -15.23
H41 CIT C . -27.99 14.49 -11.79
H42 CIT C . -27.72 12.97 -12.64
C ACT D . -20.56 -5.31 -11.56
O ACT D . -19.35 -5.31 -11.11
OXT ACT D . -21.36 -6.13 -10.99
CH3 ACT D . -21.00 -4.39 -12.67
H1 ACT D . -22.05 -4.55 -12.89
H2 ACT D . -20.85 -3.36 -12.37
H3 ACT D . -20.42 -4.60 -13.57
C1 CIT E . 1.08 2.29 30.70
O1 CIT E . 0.82 1.37 31.51
O2 CIT E . 0.95 2.06 29.47
C2 CIT E . 1.59 3.65 31.18
C3 CIT E . 1.79 3.75 32.70
O7 CIT E . 3.01 3.04 33.10
C4 CIT E . 1.76 5.22 33.11
C5 CIT E . 2.22 5.33 34.55
O3 CIT E . 1.40 5.19 35.47
O4 CIT E . 3.41 5.56 34.79
C6 CIT E . 0.69 3.08 33.47
O5 CIT E . 0.99 2.16 34.27
O6 CIT E . -0.50 3.40 33.27
H21 CIT E . 0.88 4.41 30.86
H22 CIT E . 2.54 3.86 30.69
HO7 CIT E . 2.78 2.34 33.74
H41 CIT E . 2.42 5.79 32.47
H42 CIT E . 0.76 5.62 33.01
O7 PYC F . -10.34 3.02 -15.37
O8 PYC F . -12.27 1.97 -15.38
C1 PYC F . -11.22 2.34 -14.79
C2 PYC F . -11.02 1.99 -13.37
C3 PYC F . -11.89 1.23 -12.57
C4 PYC F . -11.27 1.14 -11.33
C5 PYC F . -10.09 1.85 -11.39
N6 PYC F . -9.95 2.37 -12.62
O7 PYC G . 10.80 -1.08 16.69
O8 PYC G . 9.94 -2.88 15.78
C1 PYC G . 10.04 -1.62 15.84
C2 PYC G . 9.22 -0.81 14.91
C3 PYC G . 9.14 0.58 14.82
C4 PYC G . 8.25 0.86 13.80
C5 PYC G . 7.80 -0.35 13.29
N6 PYC G . 8.40 -1.36 13.96
#